data_1OCM
#
_entry.id   1OCM
#
_cell.length_a   103.265
_cell.length_b   94.427
_cell.length_c   74.846
_cell.angle_alpha   90.00
_cell.angle_beta   90.00
_cell.angle_gamma   90.00
#
_symmetry.space_group_name_H-M   'P 21 21 2'
#
loop_
_entity.id
_entity.type
_entity.pdbx_description
1 polymer 'MALONAMIDASE E2'
2 non-polymer 'PYROPHOSPHATE 2-'
3 water water
#
_entity_poly.entity_id   1
_entity_poly.type   'polypeptide(L)'
_entity_poly.pdbx_seq_one_letter_code
;MISLADLQRRIETGELSPNAAIAQSHAAIEAREKEVHAFVRHDKSARAQASGPLRGIAVGIKDIIDTANMPTEMGSEIYR
GWQPRSDAPVVMMLKRAGATIIGKTTTTAFASRDPTATLNPHNTGHSPGGSSSGSAAAVGAGMIPLALGTQTGGSVIRPA
AYCGTAAIKPSFRMLPTVGVKCYSWALDTVGLFGARAEDLARGLLAMTGRSEFSGIVPAKAPRIGVVRQEFAGAVEPAAE
QGLQAAIKAAERAGASVQAIDLPEAVHEAWRIHPIIQDFEAHRALAWEFSEHHDEIAPMLRASLDATVGLTPKEYDEARR
IGRRGRRELGEVFEGVDVLLTYSAPGTAPAKALASTGDPRYNRLWTLMGNPCVNVPVLKVGGLPIGVQVIARFGNDAHAL
ATAWFLEDALAK
;
_entity_poly.pdbx_strand_id   A,B
#
# COMPACT_ATOMS: atom_id res chain seq x y z
N MET A 1 9.74 -21.22 -25.18
CA MET A 1 9.63 -19.90 -24.50
C MET A 1 10.81 -19.02 -24.89
N ILE A 2 10.59 -17.71 -24.81
CA ILE A 2 11.63 -16.74 -25.14
C ILE A 2 12.43 -16.33 -23.92
N SER A 3 13.76 -16.36 -24.03
CA SER A 3 14.63 -15.97 -22.92
C SER A 3 15.04 -14.51 -22.96
N LEU A 4 14.71 -13.79 -21.89
CA LEU A 4 15.05 -12.38 -21.77
C LEU A 4 16.57 -12.20 -21.84
N ALA A 5 17.28 -12.97 -21.01
CA ALA A 5 18.74 -12.90 -20.99
C ALA A 5 19.34 -13.13 -22.36
N ASP A 6 18.83 -14.14 -23.06
CA ASP A 6 19.29 -14.46 -24.41
C ASP A 6 19.11 -13.28 -25.34
N LEU A 7 17.92 -12.68 -25.32
CA LEU A 7 17.64 -11.52 -26.16
C LEU A 7 18.61 -10.38 -25.86
N GLN A 8 18.82 -10.11 -24.57
CA GLN A 8 19.74 -9.06 -24.16
C GLN A 8 21.12 -9.24 -24.77
N ARG A 9 21.72 -10.39 -24.48
CA ARG A 9 23.05 -10.71 -25.02
C ARG A 9 23.15 -10.52 -26.52
N ARG A 10 22.16 -11.03 -27.24
CA ARG A 10 22.14 -10.91 -28.70
C ARG A 10 21.97 -9.48 -29.20
N ILE A 11 21.24 -8.68 -28.44
CA ILE A 11 21.03 -7.28 -28.81
C ILE A 11 22.26 -6.45 -28.48
N GLU A 12 22.87 -6.77 -27.33
CA GLU A 12 24.07 -6.09 -26.87
C GLU A 12 25.23 -6.26 -27.85
N THR A 13 25.37 -7.47 -28.40
CA THR A 13 26.45 -7.77 -29.34
C THR A 13 26.07 -7.56 -30.79
N GLY A 14 25.06 -6.73 -31.02
CA GLY A 14 24.63 -6.44 -32.37
C GLY A 14 24.06 -7.59 -33.17
N GLU A 15 23.99 -8.78 -32.60
CA GLU A 15 23.44 -9.94 -33.33
C GLU A 15 22.00 -9.73 -33.74
N LEU A 16 21.19 -9.26 -32.80
CA LEU A 16 19.77 -9.01 -33.03
C LEU A 16 19.42 -7.56 -32.74
N SER A 17 18.54 -6.98 -33.56
CA SER A 17 18.14 -5.60 -33.35
C SER A 17 16.90 -5.49 -32.49
N PRO A 18 16.79 -4.41 -31.70
CA PRO A 18 15.63 -4.21 -30.82
C PRO A 18 14.31 -4.35 -31.58
N ASN A 19 14.24 -3.75 -32.77
CA ASN A 19 13.03 -3.82 -33.58
C ASN A 19 12.66 -5.23 -33.97
N ALA A 20 13.65 -5.99 -34.43
CA ALA A 20 13.43 -7.37 -34.81
C ALA A 20 12.89 -8.19 -33.66
N ALA A 21 13.47 -7.98 -32.48
CA ALA A 21 13.05 -8.68 -31.28
C ALA A 21 11.59 -8.42 -30.97
N ILE A 22 11.20 -7.15 -31.06
CA ILE A 22 9.82 -6.78 -30.80
C ILE A 22 8.89 -7.34 -31.87
N ALA A 23 9.33 -7.25 -33.12
CA ALA A 23 8.53 -7.77 -34.23
C ALA A 23 8.28 -9.26 -34.06
N GLN A 24 9.26 -9.94 -33.47
CA GLN A 24 9.15 -11.38 -33.22
C GLN A 24 8.07 -11.69 -32.20
N SER A 25 7.98 -10.86 -31.16
CA SER A 25 6.96 -11.05 -30.14
C SER A 25 5.59 -10.79 -30.74
N HIS A 26 5.51 -9.75 -31.57
CA HIS A 26 4.26 -9.40 -32.24
C HIS A 26 3.77 -10.58 -33.05
N ALA A 27 4.73 -11.24 -33.71
CA ALA A 27 4.43 -12.41 -34.52
C ALA A 27 4.01 -13.59 -33.67
N ALA A 28 4.79 -13.86 -32.63
CA ALA A 28 4.50 -14.96 -31.71
C ALA A 28 3.10 -14.86 -31.12
N ILE A 29 2.73 -13.65 -30.71
CA ILE A 29 1.40 -13.42 -30.15
C ILE A 29 0.30 -13.75 -31.15
N GLU A 30 0.40 -13.16 -32.33
CA GLU A 30 -0.59 -13.39 -33.38
C GLU A 30 -0.64 -14.84 -33.84
N ALA A 31 0.48 -15.54 -33.69
CA ALA A 31 0.58 -16.92 -34.09
C ALA A 31 -0.17 -17.88 -33.18
N ARG A 32 -0.34 -17.52 -31.91
CA ARG A 32 -1.02 -18.41 -30.98
C ARG A 32 -2.17 -17.83 -30.16
N GLU A 33 -2.46 -16.54 -30.33
CA GLU A 33 -3.55 -15.92 -29.56
C GLU A 33 -4.91 -16.55 -29.79
N LYS A 34 -5.17 -16.97 -31.02
CA LYS A 34 -6.45 -17.60 -31.34
C LYS A 34 -6.61 -18.96 -30.67
N GLU A 35 -5.52 -19.43 -30.09
CA GLU A 35 -5.49 -20.73 -29.41
C GLU A 35 -5.33 -20.62 -27.89
N VAL A 36 -4.65 -19.57 -27.45
CA VAL A 36 -4.38 -19.37 -26.03
C VAL A 36 -5.24 -18.29 -25.35
N HIS A 37 -5.51 -17.20 -26.08
CA HIS A 37 -6.32 -16.08 -25.55
C HIS A 37 -5.75 -15.50 -24.28
N ALA A 38 -4.45 -15.20 -24.31
CA ALA A 38 -3.75 -14.66 -23.14
C ALA A 38 -3.80 -13.14 -23.01
N PHE A 39 -4.16 -12.45 -24.08
CA PHE A 39 -4.21 -10.99 -24.05
C PHE A 39 -5.58 -10.35 -24.12
N VAL A 40 -5.81 -9.40 -23.22
CA VAL A 40 -7.05 -8.65 -23.23
C VAL A 40 -6.97 -7.71 -24.41
N ARG A 41 -5.76 -7.21 -24.61
CA ARG A 41 -5.47 -6.32 -25.72
C ARG A 41 -4.00 -6.34 -26.08
N HIS A 42 -3.78 -6.45 -27.38
CA HIS A 42 -2.46 -6.49 -27.97
C HIS A 42 -2.19 -5.20 -28.71
N ASP A 43 -1.19 -4.43 -28.24
CA ASP A 43 -0.84 -3.17 -28.90
C ASP A 43 0.11 -3.44 -30.05
N LYS A 44 -0.48 -3.76 -31.21
CA LYS A 44 0.29 -4.08 -32.41
C LYS A 44 1.23 -2.99 -32.88
N SER A 45 0.96 -1.75 -32.47
CA SER A 45 1.82 -0.63 -32.89
C SER A 45 3.01 -0.43 -31.97
N ALA A 46 3.09 -1.26 -30.93
CA ALA A 46 4.18 -1.16 -29.97
C ALA A 46 5.55 -1.36 -30.60
N ARG A 47 6.43 -0.40 -30.37
CA ARG A 47 7.79 -0.47 -30.93
C ARG A 47 8.85 -0.51 -29.83
N ALA A 48 10.03 -0.98 -30.21
CA ALA A 48 11.14 -1.06 -29.26
C ALA A 48 11.69 0.33 -28.92
N GLN A 49 12.24 0.47 -27.72
CA GLN A 49 12.81 1.75 -27.32
C GLN A 49 14.26 1.86 -27.75
N ALA A 50 14.75 3.08 -27.82
CA ALA A 50 16.12 3.38 -28.26
C ALA A 50 17.23 2.87 -27.35
N SER A 51 17.08 3.04 -26.04
CA SER A 51 18.13 2.61 -25.12
C SER A 51 17.61 1.95 -23.85
N GLY A 52 18.53 1.40 -23.07
CA GLY A 52 18.17 0.74 -21.83
C GLY A 52 18.44 -0.74 -21.87
N PRO A 53 18.73 -1.37 -20.72
CA PRO A 53 19.00 -2.81 -20.71
C PRO A 53 17.83 -3.64 -21.22
N LEU A 54 16.62 -3.07 -21.17
CA LEU A 54 15.45 -3.80 -21.63
C LEU A 54 14.95 -3.41 -23.01
N ARG A 55 15.76 -2.67 -23.76
CA ARG A 55 15.34 -2.30 -25.10
C ARG A 55 15.17 -3.57 -25.96
N GLY A 56 14.08 -3.63 -26.72
CA GLY A 56 13.82 -4.80 -27.54
C GLY A 56 13.13 -5.92 -26.76
N ILE A 57 12.83 -5.66 -25.50
CA ILE A 57 12.17 -6.64 -24.63
C ILE A 57 10.68 -6.38 -24.48
N ALA A 58 9.86 -7.25 -25.06
CA ALA A 58 8.41 -7.13 -25.00
C ALA A 58 7.86 -7.64 -23.67
N VAL A 59 7.03 -6.84 -23.04
CA VAL A 59 6.46 -7.21 -21.73
C VAL A 59 4.95 -7.14 -21.66
N GLY A 60 4.36 -8.22 -21.12
CA GLY A 60 2.92 -8.29 -20.96
C GLY A 60 2.58 -7.88 -19.54
N ILE A 61 1.54 -7.07 -19.39
CA ILE A 61 1.15 -6.58 -18.06
C ILE A 61 -0.23 -7.06 -17.61
N LYS A 62 -0.28 -7.75 -16.47
CA LYS A 62 -1.56 -8.23 -15.90
C LYS A 62 -2.57 -7.08 -15.88
N ASP A 63 -3.78 -7.33 -16.35
CA ASP A 63 -4.76 -6.25 -16.46
C ASP A 63 -5.37 -5.65 -15.19
N ILE A 64 -4.67 -5.74 -14.06
CA ILE A 64 -5.11 -5.05 -12.84
C ILE A 64 -4.05 -4.02 -12.51
N ILE A 65 -3.04 -3.98 -13.37
CA ILE A 65 -1.93 -3.04 -13.27
C ILE A 65 -2.13 -1.87 -14.24
N ASP A 66 -2.18 -0.66 -13.70
CA ASP A 66 -2.40 0.56 -14.48
C ASP A 66 -1.41 0.88 -15.58
N THR A 67 -1.97 1.20 -16.74
CA THR A 67 -1.23 1.64 -17.93
C THR A 67 -1.90 2.90 -18.46
N ALA A 68 -1.12 3.90 -18.86
CA ALA A 68 -1.68 5.16 -19.34
C ALA A 68 -2.11 5.18 -20.81
N ASN A 69 -1.51 4.33 -21.62
CA ASN A 69 -1.80 4.28 -23.06
C ASN A 69 -2.79 3.18 -23.47
N MET A 70 -3.14 2.33 -22.51
CA MET A 70 -4.08 1.23 -22.73
C MET A 70 -5.02 1.07 -21.57
N PRO A 71 -6.25 0.63 -21.84
CA PRO A 71 -7.22 0.44 -20.76
C PRO A 71 -6.75 -0.61 -19.75
N THR A 72 -7.26 -0.48 -18.53
CA THR A 72 -6.99 -1.41 -17.44
C THR A 72 -8.36 -1.82 -16.91
N GLU A 73 -8.85 -2.95 -17.42
CA GLU A 73 -10.20 -3.41 -17.11
C GLU A 73 -10.42 -4.33 -15.93
N MET A 74 -9.35 -4.66 -15.21
CA MET A 74 -9.47 -5.49 -14.00
C MET A 74 -10.16 -6.84 -14.22
N GLY A 75 -10.27 -7.27 -15.46
CA GLY A 75 -10.92 -8.55 -15.74
C GLY A 75 -12.40 -8.54 -15.40
N SER A 76 -12.97 -7.34 -15.24
CA SER A 76 -14.40 -7.18 -14.90
C SER A 76 -15.13 -6.17 -15.77
N GLU A 77 -16.39 -6.46 -16.04
CA GLU A 77 -17.24 -5.56 -16.85
C GLU A 77 -17.37 -4.20 -16.19
N ILE A 78 -17.31 -4.20 -14.86
CA ILE A 78 -17.42 -2.97 -14.09
C ILE A 78 -16.41 -1.93 -14.55
N TYR A 79 -15.27 -2.40 -15.03
CA TYR A 79 -14.21 -1.52 -15.50
C TYR A 79 -13.97 -1.58 -17.00
N ARG A 80 -15.00 -1.95 -17.75
CA ARG A 80 -14.88 -1.98 -19.20
C ARG A 80 -14.54 -0.60 -19.74
N GLY A 81 -13.50 -0.52 -20.56
CA GLY A 81 -13.11 0.77 -21.13
C GLY A 81 -12.36 1.69 -20.17
N TRP A 82 -12.22 1.29 -18.91
CA TRP A 82 -11.52 2.11 -17.93
C TRP A 82 -10.11 2.45 -18.37
N GLN A 83 -9.77 3.74 -18.33
CA GLN A 83 -8.46 4.19 -18.74
C GLN A 83 -7.72 4.99 -17.69
N PRO A 84 -6.74 4.36 -17.04
CA PRO A 84 -5.97 5.05 -16.00
C PRO A 84 -5.24 6.25 -16.61
N ARG A 85 -5.03 7.27 -15.80
CA ARG A 85 -4.34 8.48 -16.23
C ARG A 85 -2.83 8.26 -16.33
N SER A 86 -2.29 7.51 -15.38
CA SER A 86 -0.86 7.26 -15.35
C SER A 86 -0.48 5.79 -15.37
N ASP A 87 0.79 5.53 -15.66
CA ASP A 87 1.33 4.18 -15.63
C ASP A 87 1.71 3.83 -14.22
N ALA A 88 1.47 2.60 -13.81
CA ALA A 88 1.83 2.17 -12.49
C ALA A 88 3.34 2.23 -12.29
N PRO A 89 3.79 2.54 -11.07
CA PRO A 89 5.23 2.62 -10.82
C PRO A 89 6.02 1.42 -11.34
N VAL A 90 5.46 0.21 -11.24
CA VAL A 90 6.17 -0.97 -11.75
C VAL A 90 6.26 -0.96 -13.25
N VAL A 91 5.24 -0.41 -13.91
CA VAL A 91 5.28 -0.31 -15.37
C VAL A 91 6.34 0.70 -15.78
N MET A 92 6.47 1.76 -14.98
CA MET A 92 7.46 2.81 -15.26
C MET A 92 8.88 2.31 -15.06
N MET A 93 9.07 1.39 -14.11
CA MET A 93 10.39 0.83 -13.86
C MET A 93 10.85 0.10 -15.10
N LEU A 94 9.90 -0.55 -15.77
CA LEU A 94 10.18 -1.28 -17.00
C LEU A 94 10.44 -0.32 -18.16
N LYS A 95 9.57 0.66 -18.32
CA LYS A 95 9.70 1.64 -19.40
C LYS A 95 10.99 2.45 -19.31
N ARG A 96 11.34 2.87 -18.09
CA ARG A 96 12.56 3.63 -17.89
C ARG A 96 13.78 2.80 -18.25
N ALA A 97 13.63 1.48 -18.20
CA ALA A 97 14.71 0.54 -18.54
C ALA A 97 14.77 0.22 -20.02
N GLY A 98 13.84 0.80 -20.77
CA GLY A 98 13.80 0.59 -22.22
C GLY A 98 12.87 -0.50 -22.71
N ALA A 99 12.02 -1.04 -21.81
CA ALA A 99 11.09 -2.10 -22.19
C ALA A 99 9.93 -1.61 -23.03
N THR A 100 9.33 -2.57 -23.75
CA THR A 100 8.18 -2.30 -24.58
C THR A 100 6.92 -2.90 -23.97
N ILE A 101 5.95 -2.07 -23.61
CA ILE A 101 4.70 -2.58 -23.07
C ILE A 101 3.87 -3.04 -24.25
N ILE A 102 3.94 -4.34 -24.53
CA ILE A 102 3.27 -4.89 -25.71
C ILE A 102 1.78 -5.16 -25.55
N GLY A 103 1.28 -5.16 -24.32
CA GLY A 103 -0.14 -5.39 -24.13
C GLY A 103 -0.55 -5.77 -22.72
N LYS A 104 -1.85 -5.89 -22.51
CA LYS A 104 -2.38 -6.29 -21.21
C LYS A 104 -2.83 -7.75 -21.24
N THR A 105 -2.32 -8.54 -20.30
CA THR A 105 -2.66 -9.96 -20.22
C THR A 105 -3.87 -10.17 -19.34
N THR A 106 -4.62 -11.23 -19.63
CA THR A 106 -5.83 -11.52 -18.88
C THR A 106 -5.61 -11.78 -17.41
N THR A 107 -6.61 -11.35 -16.65
CA THR A 107 -6.65 -11.54 -15.21
C THR A 107 -8.04 -11.94 -14.83
N THR A 108 -8.16 -12.78 -13.82
CA THR A 108 -9.49 -13.13 -13.36
C THR A 108 -10.12 -11.85 -12.81
N ALA A 109 -11.44 -11.79 -12.76
CA ALA A 109 -12.10 -10.58 -12.25
C ALA A 109 -11.58 -10.17 -10.87
N PHE A 110 -10.95 -9.02 -10.82
CA PHE A 110 -10.38 -8.48 -9.59
C PHE A 110 -9.38 -9.44 -8.93
N ALA A 111 -8.72 -10.23 -9.75
CA ALA A 111 -7.72 -11.20 -9.28
C ALA A 111 -8.30 -12.24 -8.32
N SER A 112 -9.53 -12.68 -8.62
CA SER A 112 -10.20 -13.69 -7.80
C SER A 112 -10.15 -15.08 -8.44
N ARG A 113 -11.10 -15.94 -8.08
CA ARG A 113 -11.13 -17.32 -8.59
C ARG A 113 -11.94 -17.55 -9.87
N ASP A 114 -12.64 -16.52 -10.35
CA ASP A 114 -13.45 -16.66 -11.59
C ASP A 114 -12.59 -16.78 -12.85
N PRO A 115 -12.63 -17.97 -13.48
CA PRO A 115 -11.87 -18.26 -14.70
C PRO A 115 -12.02 -17.29 -15.86
N THR A 116 -10.90 -17.10 -16.56
CA THR A 116 -10.87 -16.27 -17.76
C THR A 116 -11.05 -17.22 -18.93
N ALA A 117 -10.92 -16.74 -20.15
CA ALA A 117 -11.05 -17.61 -21.32
C ALA A 117 -9.70 -18.20 -21.70
N THR A 118 -8.65 -17.69 -21.05
CA THR A 118 -7.28 -18.13 -21.30
C THR A 118 -7.09 -19.63 -21.12
N LEU A 119 -6.30 -20.22 -22.00
CA LEU A 119 -6.03 -21.66 -21.97
C LEU A 119 -4.57 -22.00 -21.77
N ASN A 120 -4.32 -23.19 -21.24
CA ASN A 120 -2.95 -23.65 -21.02
C ASN A 120 -2.25 -23.96 -22.35
N PRO A 121 -1.08 -23.34 -22.58
CA PRO A 121 -0.28 -23.50 -23.80
C PRO A 121 0.13 -24.95 -24.07
N HIS A 122 0.26 -25.71 -23.00
CA HIS A 122 0.66 -27.12 -23.09
C HIS A 122 -0.48 -28.04 -23.44
N ASN A 123 -1.69 -27.59 -23.12
CA ASN A 123 -2.92 -28.33 -23.42
C ASN A 123 -4.14 -27.42 -23.34
N THR A 124 -4.61 -27.03 -24.51
CA THR A 124 -5.77 -26.15 -24.70
C THR A 124 -7.00 -26.55 -23.90
N GLY A 125 -7.06 -27.80 -23.47
CA GLY A 125 -8.21 -28.26 -22.70
C GLY A 125 -8.03 -28.07 -21.20
N HIS A 126 -6.93 -27.45 -20.81
CA HIS A 126 -6.62 -27.21 -19.40
C HIS A 126 -6.45 -25.75 -19.03
N SER A 127 -6.63 -25.48 -17.75
CA SER A 127 -6.47 -24.14 -17.19
C SER A 127 -5.01 -23.75 -17.08
N PRO A 128 -4.71 -22.45 -17.25
CA PRO A 128 -3.35 -21.90 -17.16
C PRO A 128 -3.10 -21.47 -15.73
N GLY A 129 -4.13 -21.66 -14.91
CA GLY A 129 -4.05 -21.27 -13.52
C GLY A 129 -4.56 -19.84 -13.42
N GLY A 130 -4.48 -19.26 -12.23
CA GLY A 130 -4.93 -17.90 -12.01
C GLY A 130 -4.25 -17.40 -10.76
N SER A 131 -4.43 -16.13 -10.41
CA SER A 131 -5.25 -15.20 -11.16
C SER A 131 -4.50 -14.54 -12.33
N SER A 132 -3.18 -14.69 -12.33
CA SER A 132 -2.34 -14.13 -13.41
C SER A 132 -2.33 -15.05 -14.62
N SER A 133 -3.53 -15.42 -15.05
CA SER A 133 -3.72 -16.34 -16.18
C SER A 133 -2.98 -16.00 -17.46
N GLY A 134 -3.24 -14.80 -17.99
CA GLY A 134 -2.61 -14.38 -19.23
C GLY A 134 -1.10 -14.22 -19.21
N SER A 135 -0.56 -13.74 -18.10
CA SER A 135 0.89 -13.56 -18.00
C SER A 135 1.62 -14.90 -18.08
N ALA A 136 1.11 -15.87 -17.33
CA ALA A 136 1.69 -17.21 -17.32
C ALA A 136 1.54 -17.90 -18.66
N ALA A 137 0.35 -17.83 -19.22
CA ALA A 137 0.07 -18.46 -20.50
C ALA A 137 0.89 -17.89 -21.64
N ALA A 138 0.97 -16.56 -21.69
CA ALA A 138 1.73 -15.89 -22.74
C ALA A 138 3.20 -16.23 -22.69
N VAL A 139 3.77 -16.28 -21.50
CA VAL A 139 5.18 -16.65 -21.37
C VAL A 139 5.36 -18.14 -21.70
N GLY A 140 4.41 -18.94 -21.21
CA GLY A 140 4.45 -20.36 -21.46
C GLY A 140 4.25 -20.70 -22.93
N ALA A 141 3.53 -19.84 -23.65
CA ALA A 141 3.27 -20.06 -25.06
C ALA A 141 4.37 -19.55 -25.97
N GLY A 142 5.36 -18.91 -25.36
CA GLY A 142 6.48 -18.38 -26.12
C GLY A 142 6.17 -17.07 -26.84
N MET A 143 5.18 -16.34 -26.33
CA MET A 143 4.79 -15.06 -26.94
C MET A 143 5.67 -13.89 -26.54
N ILE A 144 6.06 -13.86 -25.27
CA ILE A 144 6.87 -12.78 -24.70
C ILE A 144 7.90 -13.29 -23.72
N PRO A 145 9.04 -12.59 -23.61
CA PRO A 145 10.13 -12.97 -22.69
C PRO A 145 9.90 -12.54 -21.26
N LEU A 146 8.89 -11.70 -21.04
CA LEU A 146 8.61 -11.22 -19.69
C LEU A 146 7.17 -10.77 -19.48
N ALA A 147 6.68 -10.98 -18.27
CA ALA A 147 5.33 -10.57 -17.91
C ALA A 147 5.20 -10.30 -16.44
N LEU A 148 4.36 -9.33 -16.10
CA LEU A 148 4.09 -8.99 -14.71
C LEU A 148 2.79 -9.59 -14.26
N GLY A 149 2.76 -9.99 -13.00
CA GLY A 149 1.56 -10.55 -12.42
C GLY A 149 1.52 -10.15 -10.97
N THR A 150 0.61 -10.75 -10.20
CA THR A 150 0.50 -10.46 -8.78
C THR A 150 0.13 -11.70 -8.00
N GLN A 151 0.50 -11.72 -6.73
CA GLN A 151 0.16 -12.84 -5.86
C GLN A 151 -0.31 -12.37 -4.49
N THR A 152 -1.46 -12.89 -4.11
CA THR A 152 -2.09 -12.62 -2.81
C THR A 152 -2.23 -13.94 -2.08
N GLY A 153 -2.59 -14.96 -2.87
CA GLY A 153 -2.72 -16.32 -2.40
C GLY A 153 -1.57 -17.05 -3.10
N GLY A 154 -1.72 -17.30 -4.39
CA GLY A 154 -0.65 -17.94 -5.15
C GLY A 154 -0.77 -17.69 -6.66
N SER A 155 -1.26 -16.52 -7.03
CA SER A 155 -1.50 -16.17 -8.44
C SER A 155 -0.23 -15.90 -9.25
N VAL A 156 0.94 -16.12 -8.65
CA VAL A 156 2.17 -15.99 -9.43
C VAL A 156 2.81 -17.37 -9.60
N ILE A 157 3.11 -18.01 -8.47
CA ILE A 157 3.73 -19.33 -8.47
C ILE A 157 2.88 -20.44 -9.10
N ARG A 158 1.61 -20.50 -8.71
CA ARG A 158 0.72 -21.52 -9.23
C ARG A 158 0.56 -21.52 -10.74
N PRO A 159 0.17 -20.36 -11.32
CA PRO A 159 0.03 -20.36 -12.78
C PRO A 159 1.36 -20.59 -13.49
N ALA A 160 2.46 -20.17 -12.87
CA ALA A 160 3.77 -20.39 -13.46
C ALA A 160 4.06 -21.87 -13.56
N ALA A 161 3.75 -22.59 -12.48
CA ALA A 161 3.96 -24.03 -12.42
C ALA A 161 3.09 -24.73 -13.46
N TYR A 162 1.82 -24.34 -13.48
CA TYR A 162 0.85 -24.90 -14.43
C TYR A 162 1.26 -24.73 -15.88
N CYS A 163 1.83 -23.57 -16.20
CA CYS A 163 2.25 -23.27 -17.58
C CYS A 163 3.71 -23.59 -17.87
N GLY A 164 4.41 -24.13 -16.87
CA GLY A 164 5.80 -24.50 -17.08
C GLY A 164 6.79 -23.37 -17.28
N THR A 165 6.54 -22.22 -16.67
CA THR A 165 7.46 -21.10 -16.81
C THR A 165 8.16 -20.80 -15.51
N ALA A 166 9.28 -20.09 -15.61
CA ALA A 166 9.98 -19.68 -14.42
C ALA A 166 9.22 -18.47 -13.89
N ALA A 167 9.32 -18.21 -12.59
CA ALA A 167 8.62 -17.06 -12.03
C ALA A 167 9.07 -16.75 -10.64
N ILE A 168 8.89 -15.50 -10.23
CA ILE A 168 9.27 -15.13 -8.90
C ILE A 168 8.32 -14.16 -8.26
N LYS A 169 8.06 -14.43 -6.99
CA LYS A 169 7.28 -13.54 -6.15
C LYS A 169 8.29 -12.97 -5.19
N PRO A 170 8.86 -11.80 -5.53
CA PRO A 170 9.87 -11.17 -4.67
C PRO A 170 9.39 -10.97 -3.26
N SER A 171 10.32 -10.56 -2.40
CA SER A 171 9.99 -10.29 -1.01
C SER A 171 8.88 -9.26 -0.94
N PHE A 172 8.00 -9.43 0.03
CA PHE A 172 6.89 -8.50 0.21
C PHE A 172 7.32 -7.04 0.20
N ARG A 173 6.57 -6.24 -0.55
CA ARG A 173 6.80 -4.79 -0.66
C ARG A 173 8.08 -4.35 -1.36
N MET A 174 8.86 -5.27 -1.92
CA MET A 174 10.07 -4.83 -2.62
C MET A 174 9.69 -4.03 -3.85
N LEU A 175 8.71 -4.55 -4.60
CA LEU A 175 8.18 -3.87 -5.77
C LEU A 175 6.91 -3.14 -5.34
N PRO A 176 6.78 -1.85 -5.69
CA PRO A 176 5.59 -1.09 -5.30
C PRO A 176 4.27 -1.58 -5.89
N THR A 177 3.23 -1.55 -5.06
CA THR A 177 1.91 -1.97 -5.50
C THR A 177 1.01 -0.78 -5.88
N VAL A 178 1.63 0.39 -5.95
CA VAL A 178 0.90 1.57 -6.36
C VAL A 178 0.43 1.37 -7.79
N GLY A 179 -0.82 1.71 -8.06
CA GLY A 179 -1.34 1.53 -9.41
C GLY A 179 -1.70 0.08 -9.70
N VAL A 180 -1.76 -0.73 -8.65
CA VAL A 180 -2.13 -2.14 -8.77
C VAL A 180 -3.42 -2.40 -8.00
N LYS A 181 -4.46 -2.81 -8.71
CA LYS A 181 -5.76 -3.08 -8.07
C LYS A 181 -5.59 -3.95 -6.83
N CYS A 182 -5.93 -3.38 -5.68
CA CYS A 182 -5.78 -4.08 -4.41
C CYS A 182 -6.89 -5.05 -4.05
N TYR A 183 -6.46 -6.17 -3.47
CA TYR A 183 -7.37 -7.19 -2.99
C TYR A 183 -7.19 -7.25 -1.48
N SER A 184 -5.92 -7.35 -1.09
CA SER A 184 -5.48 -7.39 0.31
C SER A 184 -4.11 -6.73 0.42
N TRP A 185 -4.08 -5.53 0.97
CA TRP A 185 -2.82 -4.78 1.09
C TRP A 185 -1.76 -5.45 1.94
N ALA A 186 -2.19 -6.36 2.80
CA ALA A 186 -1.25 -7.10 3.65
C ALA A 186 -0.61 -8.26 2.91
N LEU A 187 -1.13 -8.57 1.74
CA LEU A 187 -0.64 -9.70 0.95
C LEU A 187 -0.20 -9.39 -0.47
N ASP A 188 -0.97 -8.57 -1.17
CA ASP A 188 -0.65 -8.22 -2.57
C ASP A 188 0.83 -7.98 -2.81
N THR A 189 1.36 -8.76 -3.76
CA THR A 189 2.77 -8.68 -4.14
C THR A 189 2.94 -8.85 -5.64
N VAL A 190 3.70 -7.95 -6.27
CA VAL A 190 3.95 -8.02 -7.71
C VAL A 190 4.98 -9.10 -8.03
N GLY A 191 4.74 -9.80 -9.14
CA GLY A 191 5.65 -10.86 -9.53
C GLY A 191 6.00 -10.82 -11.00
N LEU A 192 7.02 -11.60 -11.37
CA LEU A 192 7.48 -11.67 -12.75
C LEU A 192 7.50 -13.08 -13.30
N PHE A 193 7.19 -13.20 -14.59
CA PHE A 193 7.22 -14.48 -15.29
C PHE A 193 8.25 -14.41 -16.41
N GLY A 194 9.02 -15.49 -16.58
CA GLY A 194 10.03 -15.53 -17.61
C GLY A 194 10.35 -16.97 -17.92
N ALA A 195 11.31 -17.22 -18.82
CA ALA A 195 11.67 -18.60 -19.18
C ALA A 195 12.50 -19.28 -18.12
N ARG A 196 13.53 -18.59 -17.63
CA ARG A 196 14.41 -19.16 -16.59
C ARG A 196 14.69 -18.19 -15.45
N ALA A 197 15.34 -18.70 -14.41
CA ALA A 197 15.68 -17.88 -13.26
C ALA A 197 16.55 -16.70 -13.64
N GLU A 198 17.50 -16.94 -14.54
CA GLU A 198 18.39 -15.88 -15.02
C GLU A 198 17.64 -14.72 -15.65
N ASP A 199 16.55 -15.04 -16.36
CA ASP A 199 15.74 -14.01 -16.99
C ASP A 199 15.08 -13.13 -15.95
N LEU A 200 14.64 -13.76 -14.87
CA LEU A 200 14.02 -13.05 -13.77
C LEU A 200 15.00 -12.08 -13.13
N ALA A 201 16.22 -12.57 -12.91
CA ALA A 201 17.28 -11.75 -12.31
C ALA A 201 17.55 -10.50 -13.12
N ARG A 202 17.76 -10.69 -14.42
CA ARG A 202 18.02 -9.56 -15.30
C ARG A 202 16.83 -8.60 -15.34
N GLY A 203 15.64 -9.16 -15.19
CA GLY A 203 14.44 -8.35 -15.19
C GLY A 203 14.41 -7.48 -13.94
N LEU A 204 14.68 -8.09 -12.80
CA LEU A 204 14.68 -7.35 -11.53
C LEU A 204 15.81 -6.34 -11.47
N LEU A 205 16.94 -6.70 -12.07
CA LEU A 205 18.09 -5.79 -12.10
C LEU A 205 17.75 -4.49 -12.83
N ALA A 206 17.14 -4.65 -14.00
CA ALA A 206 16.74 -3.51 -14.82
C ALA A 206 15.65 -2.67 -14.18
N MET A 207 14.75 -3.33 -13.45
CA MET A 207 13.64 -2.65 -12.78
C MET A 207 14.03 -1.88 -11.52
N THR A 208 14.85 -2.50 -10.69
CA THR A 208 15.25 -1.92 -9.39
C THR A 208 16.62 -1.26 -9.35
N GLY A 209 17.51 -1.69 -10.24
CA GLY A 209 18.85 -1.12 -10.23
C GLY A 209 19.64 -1.59 -9.02
N ARG A 210 19.16 -2.65 -8.36
CA ARG A 210 19.84 -3.20 -7.18
C ARG A 210 20.98 -4.13 -7.56
N SER A 211 22.19 -3.80 -7.10
CA SER A 211 23.39 -4.58 -7.41
C SER A 211 23.29 -6.07 -7.14
N GLU A 212 22.54 -6.44 -6.11
CA GLU A 212 22.38 -7.85 -5.76
C GLU A 212 21.86 -8.69 -6.90
N PHE A 213 21.15 -8.05 -7.84
CA PHE A 213 20.60 -8.76 -8.99
C PHE A 213 21.55 -8.77 -10.18
N SER A 214 22.72 -8.17 -9.97
CA SER A 214 23.73 -8.12 -11.02
C SER A 214 24.78 -9.20 -10.82
N GLY A 215 25.17 -9.82 -11.92
CA GLY A 215 26.20 -10.85 -11.86
C GLY A 215 25.80 -12.14 -11.15
N ILE A 216 24.50 -12.35 -10.94
CA ILE A 216 24.06 -13.56 -10.29
C ILE A 216 24.50 -14.80 -11.05
N VAL A 217 24.93 -15.82 -10.31
CA VAL A 217 25.40 -17.07 -10.90
C VAL A 217 24.77 -18.26 -10.17
N PRO A 218 24.65 -19.42 -10.84
CA PRO A 218 24.05 -20.57 -10.15
C PRO A 218 24.74 -20.84 -8.82
N ALA A 219 23.96 -21.18 -7.80
CA ALA A 219 24.52 -21.47 -6.49
C ALA A 219 25.26 -22.79 -6.47
N LYS A 220 26.22 -22.92 -5.57
CA LYS A 220 26.99 -24.15 -5.44
C LYS A 220 26.74 -24.87 -4.12
N ALA A 221 26.46 -26.16 -4.21
CA ALA A 221 26.20 -26.97 -3.02
C ALA A 221 25.24 -26.30 -2.05
N PRO A 222 24.03 -25.96 -2.53
CA PRO A 222 23.04 -25.31 -1.68
C PRO A 222 22.53 -26.21 -0.57
N ARG A 223 22.17 -25.60 0.55
CA ARG A 223 21.61 -26.32 1.68
C ARG A 223 20.10 -26.22 1.60
N ILE A 224 19.48 -27.28 1.10
CA ILE A 224 18.04 -27.30 0.91
C ILE A 224 17.24 -28.00 1.99
N GLY A 225 16.17 -27.34 2.40
CA GLY A 225 15.28 -27.89 3.41
C GLY A 225 13.95 -28.19 2.73
N VAL A 226 13.55 -29.45 2.71
CA VAL A 226 12.30 -29.85 2.06
C VAL A 226 11.11 -29.86 3.00
N VAL A 227 10.11 -29.06 2.66
CA VAL A 227 8.86 -28.99 3.43
C VAL A 227 7.68 -29.34 2.55
N ARG A 228 6.85 -30.28 3.01
CA ARG A 228 5.70 -30.71 2.21
C ARG A 228 4.36 -30.10 2.65
N GLN A 229 4.43 -29.18 3.60
CA GLN A 229 3.21 -28.49 4.07
C GLN A 229 2.04 -29.44 4.24
N GLU A 230 2.21 -30.42 5.13
CA GLU A 230 1.17 -31.41 5.41
C GLU A 230 -0.09 -30.76 5.91
N PHE A 231 0.07 -29.65 6.62
CA PHE A 231 -1.07 -28.90 7.16
C PHE A 231 -1.98 -28.42 6.05
N ALA A 232 -1.46 -28.38 4.83
CA ALA A 232 -2.21 -27.91 3.67
C ALA A 232 -3.00 -29.03 2.99
N GLY A 233 -3.01 -30.19 3.62
CA GLY A 233 -3.75 -31.32 3.05
C GLY A 233 -2.91 -32.19 2.14
N ALA A 234 -3.56 -33.19 1.56
CA ALA A 234 -2.92 -34.14 0.68
C ALA A 234 -2.64 -33.60 -0.72
N VAL A 235 -1.43 -33.85 -1.19
CA VAL A 235 -1.03 -33.41 -2.52
C VAL A 235 -1.29 -34.48 -3.57
N GLU A 236 -1.39 -34.06 -4.84
CA GLU A 236 -1.62 -35.01 -5.92
C GLU A 236 -0.31 -35.67 -6.33
N PRO A 237 -0.36 -36.96 -6.68
CA PRO A 237 0.81 -37.75 -7.10
C PRO A 237 1.81 -37.02 -7.98
N ALA A 238 1.30 -36.41 -9.05
CA ALA A 238 2.16 -35.68 -10.00
C ALA A 238 3.06 -34.65 -9.32
N ALA A 239 2.51 -33.96 -8.32
CA ALA A 239 3.26 -32.95 -7.59
C ALA A 239 4.41 -33.57 -6.80
N GLU A 240 4.14 -34.71 -6.17
CA GLU A 240 5.19 -35.40 -5.41
C GLU A 240 6.28 -35.93 -6.32
N GLN A 241 5.88 -36.45 -7.48
CA GLN A 241 6.85 -36.95 -8.46
C GLN A 241 7.85 -35.84 -8.82
N GLY A 242 7.30 -34.65 -9.05
CA GLY A 242 8.12 -33.50 -9.38
C GLY A 242 9.06 -33.15 -8.25
N LEU A 243 8.54 -33.09 -7.03
CA LEU A 243 9.38 -32.76 -5.88
C LEU A 243 10.51 -33.76 -5.71
N GLN A 244 10.20 -35.04 -5.83
CA GLN A 244 11.22 -36.09 -5.71
C GLN A 244 12.26 -36.01 -6.82
N ALA A 245 11.83 -35.69 -8.03
CA ALA A 245 12.76 -35.54 -9.14
C ALA A 245 13.72 -34.40 -8.85
N ALA A 246 13.17 -33.31 -8.32
CA ALA A 246 13.97 -32.14 -7.97
C ALA A 246 15.00 -32.47 -6.90
N ILE A 247 14.54 -33.13 -5.84
CA ILE A 247 15.41 -33.53 -4.74
C ILE A 247 16.57 -34.40 -5.23
N LYS A 248 16.24 -35.36 -6.07
CA LYS A 248 17.23 -36.28 -6.63
C LYS A 248 18.27 -35.55 -7.47
N ALA A 249 17.80 -34.71 -8.39
CA ALA A 249 18.72 -33.95 -9.23
C ALA A 249 19.60 -33.05 -8.40
N ALA A 250 18.99 -32.39 -7.41
CA ALA A 250 19.72 -31.50 -6.52
C ALA A 250 20.86 -32.25 -5.83
N GLU A 251 20.52 -33.41 -5.28
CA GLU A 251 21.52 -34.22 -4.60
C GLU A 251 22.66 -34.61 -5.53
N ARG A 252 22.32 -35.15 -6.69
CA ARG A 252 23.35 -35.55 -7.66
C ARG A 252 24.24 -34.36 -8.05
N ALA A 253 23.64 -33.18 -8.04
CA ALA A 253 24.34 -31.94 -8.39
C ALA A 253 25.21 -31.40 -7.26
N GLY A 254 25.18 -32.07 -6.12
CA GLY A 254 26.02 -31.65 -5.00
C GLY A 254 25.36 -30.94 -3.84
N ALA A 255 24.05 -30.72 -3.91
CA ALA A 255 23.36 -30.06 -2.81
C ALA A 255 23.12 -30.99 -1.63
N SER A 256 22.96 -30.40 -0.46
CA SER A 256 22.64 -31.15 0.74
C SER A 256 21.16 -30.99 1.02
N VAL A 257 20.43 -32.11 1.03
CA VAL A 257 18.99 -32.07 1.23
C VAL A 257 18.50 -32.80 2.46
N GLN A 258 17.63 -32.11 3.21
CA GLN A 258 17.05 -32.65 4.43
C GLN A 258 15.60 -32.26 4.60
N ALA A 259 14.79 -33.20 5.07
CA ALA A 259 13.38 -32.95 5.30
C ALA A 259 13.17 -32.32 6.66
N ILE A 260 12.33 -31.30 6.70
CA ILE A 260 12.05 -30.63 7.96
C ILE A 260 10.61 -30.20 8.10
N ASP A 261 10.11 -30.27 9.34
CA ASP A 261 8.75 -29.88 9.64
C ASP A 261 8.71 -28.46 10.14
N LEU A 262 7.79 -27.68 9.59
CA LEU A 262 7.65 -26.28 10.00
C LEU A 262 7.02 -26.14 11.38
N PRO A 263 7.47 -25.14 12.14
CA PRO A 263 6.95 -24.88 13.49
C PRO A 263 5.44 -24.76 13.49
N GLU A 264 4.82 -25.16 14.59
CA GLU A 264 3.37 -25.08 14.72
C GLU A 264 2.87 -23.67 14.45
N ALA A 265 3.69 -22.69 14.80
CA ALA A 265 3.34 -21.28 14.57
C ALA A 265 3.17 -20.98 13.09
N VAL A 266 4.02 -21.59 12.27
CA VAL A 266 3.96 -21.42 10.84
C VAL A 266 2.69 -22.02 10.29
N HIS A 267 2.33 -23.19 10.82
CA HIS A 267 1.10 -23.87 10.41
C HIS A 267 -0.10 -22.95 10.63
N GLU A 268 -0.13 -22.35 11.81
CA GLU A 268 -1.21 -21.43 12.19
C GLU A 268 -1.33 -20.27 11.22
N ALA A 269 -0.19 -19.71 10.83
CA ALA A 269 -0.16 -18.61 9.87
C ALA A 269 -0.88 -19.01 8.60
N TRP A 270 -0.59 -20.23 8.15
CA TRP A 270 -1.21 -20.77 6.93
C TRP A 270 -2.71 -20.81 7.06
N ARG A 271 -3.17 -21.18 8.25
CA ARG A 271 -4.60 -21.30 8.54
C ARG A 271 -5.37 -19.98 8.49
N ILE A 272 -4.78 -18.92 9.02
CA ILE A 272 -5.47 -17.64 9.06
C ILE A 272 -5.27 -16.74 7.86
N HIS A 273 -4.51 -17.20 6.87
CA HIS A 273 -4.30 -16.41 5.66
C HIS A 273 -5.63 -15.95 5.06
N PRO A 274 -6.61 -16.87 4.96
CA PRO A 274 -7.91 -16.55 4.39
C PRO A 274 -8.61 -15.42 5.16
N ILE A 275 -8.39 -15.39 6.46
CA ILE A 275 -9.00 -14.35 7.30
C ILE A 275 -8.49 -12.98 6.93
N ILE A 276 -7.17 -12.87 6.79
CA ILE A 276 -6.56 -11.60 6.42
C ILE A 276 -6.97 -11.16 5.03
N GLN A 277 -6.90 -12.09 4.09
CA GLN A 277 -7.26 -11.81 2.71
C GLN A 277 -8.71 -11.39 2.54
N ASP A 278 -9.62 -12.17 3.12
CA ASP A 278 -11.05 -11.88 3.00
C ASP A 278 -11.53 -10.65 3.76
N PHE A 279 -10.95 -10.39 4.92
CA PHE A 279 -11.36 -9.21 5.68
C PHE A 279 -10.97 -7.93 4.95
N GLU A 280 -9.71 -7.88 4.52
CA GLU A 280 -9.22 -6.72 3.80
C GLU A 280 -9.89 -6.54 2.46
N ALA A 281 -10.24 -7.66 1.81
CA ALA A 281 -10.91 -7.60 0.53
C ALA A 281 -12.22 -6.82 0.62
N HIS A 282 -12.94 -7.00 1.72
CA HIS A 282 -14.20 -6.27 1.91
C HIS A 282 -13.99 -4.79 2.00
N ARG A 283 -12.83 -4.40 2.53
CA ARG A 283 -12.49 -2.99 2.62
C ARG A 283 -11.98 -2.48 1.28
N ALA A 284 -11.09 -3.27 0.68
CA ALA A 284 -10.46 -2.92 -0.61
C ALA A 284 -11.43 -2.88 -1.77
N LEU A 285 -12.46 -3.71 -1.71
CA LEU A 285 -13.46 -3.76 -2.77
C LEU A 285 -14.82 -3.26 -2.30
N ALA A 286 -14.78 -2.43 -1.26
CA ALA A 286 -16.01 -1.87 -0.68
C ALA A 286 -16.92 -1.21 -1.69
N TRP A 287 -16.35 -0.34 -2.53
CA TRP A 287 -17.14 0.37 -3.55
C TRP A 287 -17.85 -0.57 -4.52
N GLU A 288 -17.11 -1.56 -5.02
CA GLU A 288 -17.68 -2.53 -5.95
C GLU A 288 -18.76 -3.39 -5.31
N PHE A 289 -18.51 -3.83 -4.08
CA PHE A 289 -19.44 -4.66 -3.34
C PHE A 289 -20.73 -3.92 -2.98
N SER A 290 -20.61 -2.63 -2.67
CA SER A 290 -21.77 -1.80 -2.30
C SER A 290 -22.57 -1.23 -3.47
N GLU A 291 -21.88 -0.81 -4.52
CA GLU A 291 -22.54 -0.17 -5.66
C GLU A 291 -22.75 -1.02 -6.90
N HIS A 292 -22.00 -2.11 -7.03
CA HIS A 292 -22.14 -2.98 -8.21
C HIS A 292 -22.08 -4.47 -7.84
N HIS A 293 -22.71 -4.79 -6.71
CA HIS A 293 -22.75 -6.14 -6.19
C HIS A 293 -23.08 -7.23 -7.21
N ASP A 294 -24.20 -7.05 -7.92
CA ASP A 294 -24.63 -8.05 -8.91
C ASP A 294 -23.76 -8.13 -10.16
N GLU A 295 -22.86 -7.16 -10.31
CA GLU A 295 -21.96 -7.14 -11.45
C GLU A 295 -20.65 -7.86 -11.16
N ILE A 296 -20.46 -8.22 -9.90
CA ILE A 296 -19.26 -8.93 -9.50
C ILE A 296 -19.34 -10.40 -9.91
N ALA A 297 -18.28 -10.90 -10.54
CA ALA A 297 -18.25 -12.29 -11.00
C ALA A 297 -18.70 -13.26 -9.89
N PRO A 298 -19.47 -14.29 -10.27
CA PRO A 298 -20.04 -15.34 -9.41
C PRO A 298 -19.21 -15.84 -8.24
N MET A 299 -18.07 -16.44 -8.53
CA MET A 299 -17.21 -16.97 -7.47
C MET A 299 -16.72 -15.91 -6.51
N LEU A 300 -16.24 -14.78 -7.04
CA LEU A 300 -15.77 -13.70 -6.16
C LEU A 300 -16.92 -13.17 -5.31
N ARG A 301 -18.08 -13.00 -5.93
CA ARG A 301 -19.23 -12.49 -5.21
C ARG A 301 -19.65 -13.42 -4.09
N ALA A 302 -19.48 -14.72 -4.32
CA ALA A 302 -19.83 -15.73 -3.32
C ALA A 302 -18.91 -15.69 -2.11
N SER A 303 -17.60 -15.55 -2.36
CA SER A 303 -16.65 -15.50 -1.26
C SER A 303 -16.87 -14.23 -0.43
N LEU A 304 -17.11 -13.13 -1.11
CA LEU A 304 -17.37 -11.87 -0.41
C LEU A 304 -18.61 -11.97 0.47
N ASP A 305 -19.69 -12.47 -0.12
CA ASP A 305 -20.94 -12.63 0.61
C ASP A 305 -20.79 -13.52 1.85
N ALA A 306 -19.97 -14.56 1.73
CA ALA A 306 -19.77 -15.48 2.85
C ALA A 306 -18.83 -14.94 3.92
N THR A 307 -18.18 -13.81 3.64
CA THR A 307 -17.23 -13.24 4.59
C THR A 307 -17.54 -11.83 5.09
N VAL A 308 -18.75 -11.33 4.83
CA VAL A 308 -19.10 -9.99 5.30
C VAL A 308 -19.04 -9.88 6.81
N GLY A 309 -19.17 -11.02 7.49
CA GLY A 309 -19.16 -11.03 8.94
C GLY A 309 -17.82 -11.04 9.65
N LEU A 310 -16.72 -11.19 8.91
CA LEU A 310 -15.41 -11.16 9.57
C LEU A 310 -15.27 -9.90 10.38
N THR A 311 -14.87 -10.06 11.64
CA THR A 311 -14.72 -8.93 12.56
C THR A 311 -13.31 -8.40 12.68
N PRO A 312 -13.17 -7.10 13.05
CA PRO A 312 -11.86 -6.47 13.21
C PRO A 312 -11.09 -7.21 14.30
N LYS A 313 -11.84 -7.75 15.25
CA LYS A 313 -11.24 -8.50 16.36
C LYS A 313 -10.52 -9.75 15.88
N GLU A 314 -11.22 -10.60 15.13
CA GLU A 314 -10.60 -11.81 14.62
C GLU A 314 -9.54 -11.48 13.59
N TYR A 315 -9.76 -10.38 12.87
CA TYR A 315 -8.81 -9.92 11.88
C TYR A 315 -7.48 -9.56 12.54
N ASP A 316 -7.56 -8.78 13.61
CA ASP A 316 -6.36 -8.39 14.33
C ASP A 316 -5.64 -9.61 14.89
N GLU A 317 -6.42 -10.56 15.38
CA GLU A 317 -5.84 -11.78 15.93
C GLU A 317 -5.11 -12.56 14.85
N ALA A 318 -5.68 -12.56 13.65
CA ALA A 318 -5.07 -13.26 12.52
C ALA A 318 -3.71 -12.68 12.19
N ARG A 319 -3.64 -11.35 12.15
CA ARG A 319 -2.38 -10.69 11.86
C ARG A 319 -1.35 -10.98 12.93
N ARG A 320 -1.79 -11.03 14.18
CA ARG A 320 -0.88 -11.36 15.29
C ARG A 320 -0.27 -12.72 15.06
N ILE A 321 -1.13 -13.66 14.66
CA ILE A 321 -0.73 -15.03 14.37
C ILE A 321 0.25 -15.09 13.21
N GLY A 322 0.04 -14.20 12.24
CA GLY A 322 0.92 -14.13 11.10
C GLY A 322 2.31 -13.71 11.54
N ARG A 323 2.37 -12.65 12.37
CA ARG A 323 3.65 -12.17 12.87
C ARG A 323 4.43 -13.26 13.58
N ARG A 324 3.76 -13.98 14.47
CA ARG A 324 4.41 -15.08 15.19
C ARG A 324 4.99 -16.05 14.19
N GLY A 325 4.22 -16.31 13.14
CA GLY A 325 4.64 -17.22 12.09
C GLY A 325 5.92 -16.76 11.45
N ARG A 326 5.99 -15.48 11.11
CA ARG A 326 7.19 -14.92 10.50
C ARG A 326 8.39 -15.03 11.41
N ARG A 327 8.19 -14.67 12.67
CA ARG A 327 9.27 -14.71 13.65
C ARG A 327 9.87 -16.09 13.80
N GLU A 328 9.04 -17.11 13.88
CA GLU A 328 9.53 -18.47 14.04
C GLU A 328 10.03 -19.11 12.75
N LEU A 329 9.60 -18.59 11.61
CA LEU A 329 10.07 -19.12 10.33
C LEU A 329 11.54 -18.81 10.12
N GLY A 330 11.95 -17.64 10.58
CA GLY A 330 13.33 -17.22 10.44
C GLY A 330 14.32 -18.19 11.04
N GLU A 331 13.96 -18.79 12.18
CA GLU A 331 14.83 -19.74 12.85
C GLU A 331 15.14 -20.94 11.96
N VAL A 332 14.14 -21.33 11.18
CA VAL A 332 14.27 -22.44 10.27
C VAL A 332 15.42 -22.25 9.28
N PHE A 333 15.67 -21.00 8.90
CA PHE A 333 16.73 -20.69 7.94
C PHE A 333 18.14 -20.67 8.52
N GLU A 334 18.31 -21.16 9.73
CA GLU A 334 19.64 -21.18 10.34
C GLU A 334 20.45 -22.36 9.86
N GLY A 335 19.74 -23.40 9.43
CA GLY A 335 20.40 -24.60 8.95
C GLY A 335 20.40 -24.72 7.44
N VAL A 336 19.38 -24.15 6.79
CA VAL A 336 19.28 -24.24 5.33
C VAL A 336 19.27 -22.88 4.65
N ASP A 337 19.73 -22.88 3.40
CA ASP A 337 19.77 -21.67 2.59
C ASP A 337 18.42 -21.36 1.95
N VAL A 338 17.72 -22.42 1.58
CA VAL A 338 16.39 -22.29 0.99
C VAL A 338 15.51 -23.47 1.33
N LEU A 339 14.21 -23.26 1.17
CA LEU A 339 13.24 -24.29 1.41
C LEU A 339 12.66 -24.73 0.08
N LEU A 340 12.46 -26.03 -0.07
CA LEU A 340 11.90 -26.57 -1.30
C LEU A 340 10.57 -27.23 -1.03
N THR A 341 9.56 -26.84 -1.80
CA THR A 341 8.23 -27.39 -1.63
C THR A 341 7.45 -27.40 -2.94
N TYR A 342 6.20 -27.81 -2.87
CA TYR A 342 5.35 -27.86 -4.06
C TYR A 342 4.96 -26.47 -4.53
N SER A 343 4.73 -26.35 -5.84
CA SER A 343 4.30 -25.08 -6.42
C SER A 343 2.79 -25.07 -6.61
N ALA A 344 2.21 -26.27 -6.66
CA ALA A 344 0.76 -26.45 -6.86
C ALA A 344 0.33 -27.84 -6.44
N PRO A 345 -1.00 -28.07 -6.30
CA PRO A 345 -1.50 -29.39 -5.89
C PRO A 345 -1.12 -30.52 -6.85
N GLY A 346 -0.95 -30.16 -8.11
CA GLY A 346 -0.59 -31.14 -9.12
C GLY A 346 -0.66 -30.49 -10.48
N THR A 347 -0.93 -31.28 -11.51
CA THR A 347 -1.03 -30.73 -12.86
C THR A 347 -2.24 -29.81 -12.98
N ALA A 348 -2.20 -28.93 -13.98
CA ALA A 348 -3.29 -27.98 -14.21
C ALA A 348 -4.64 -28.66 -14.41
N PRO A 349 -5.66 -28.18 -13.69
CA PRO A 349 -7.01 -28.74 -13.79
C PRO A 349 -7.60 -28.54 -15.17
N ALA A 350 -8.46 -29.47 -15.59
CA ALA A 350 -9.10 -29.32 -16.89
C ALA A 350 -10.04 -28.13 -16.87
N LYS A 351 -10.08 -27.37 -17.96
CA LYS A 351 -10.96 -26.20 -18.04
C LYS A 351 -12.39 -26.53 -17.65
N ALA A 352 -12.82 -27.74 -17.97
CA ALA A 352 -14.18 -28.20 -17.66
C ALA A 352 -14.51 -28.15 -16.17
N LEU A 353 -13.48 -28.11 -15.34
CA LEU A 353 -13.69 -28.04 -13.88
C LEU A 353 -13.97 -26.64 -13.39
N ALA A 354 -13.87 -25.67 -14.30
CA ALA A 354 -14.10 -24.26 -13.96
C ALA A 354 -13.36 -23.86 -12.68
N SER A 355 -12.07 -24.19 -12.66
CA SER A 355 -11.21 -23.87 -11.51
C SER A 355 -9.82 -23.48 -11.94
N THR A 356 -9.30 -22.44 -11.31
CA THR A 356 -7.95 -21.95 -11.61
C THR A 356 -6.91 -22.63 -10.71
N GLY A 357 -7.36 -23.63 -9.97
CA GLY A 357 -6.47 -24.37 -9.08
C GLY A 357 -6.49 -23.84 -7.65
N ASP A 358 -6.06 -24.67 -6.71
CA ASP A 358 -6.03 -24.31 -5.29
C ASP A 358 -4.66 -23.80 -4.84
N PRO A 359 -4.61 -22.59 -4.28
CA PRO A 359 -3.35 -21.98 -3.82
C PRO A 359 -2.91 -22.36 -2.42
N ARG A 360 -3.40 -23.49 -1.90
CA ARG A 360 -3.06 -23.91 -0.55
C ARG A 360 -1.58 -24.13 -0.28
N TYR A 361 -0.80 -24.41 -1.32
CA TYR A 361 0.64 -24.61 -1.13
C TYR A 361 1.45 -23.36 -1.39
N ASN A 362 0.74 -22.28 -1.75
CA ASN A 362 1.36 -20.98 -2.06
C ASN A 362 1.11 -19.90 -1.00
N ARG A 363 -0.15 -19.81 -0.57
CA ARG A 363 -0.63 -18.78 0.38
C ARG A 363 0.23 -18.50 1.62
N LEU A 364 0.77 -19.53 2.25
CA LEU A 364 1.59 -19.31 3.45
C LEU A 364 2.75 -18.36 3.21
N TRP A 365 3.45 -18.60 2.10
CA TRP A 365 4.62 -17.81 1.74
C TRP A 365 4.31 -16.38 1.35
N THR A 366 3.11 -16.16 0.82
CA THR A 366 2.72 -14.80 0.46
C THR A 366 2.57 -13.97 1.74
N LEU A 367 2.03 -14.62 2.77
CA LEU A 367 1.83 -13.97 4.07
C LEU A 367 3.14 -13.78 4.82
N MET A 368 4.03 -14.75 4.67
CA MET A 368 5.34 -14.66 5.32
C MET A 368 6.19 -13.59 4.65
N GLY A 369 5.97 -13.42 3.35
CA GLY A 369 6.67 -12.40 2.58
C GLY A 369 7.93 -12.85 1.87
N ASN A 370 8.42 -14.04 2.20
CA ASN A 370 9.64 -14.56 1.60
C ASN A 370 9.61 -14.63 0.07
N PRO A 371 10.78 -14.47 -0.56
CA PRO A 371 10.86 -14.53 -2.02
C PRO A 371 10.65 -15.97 -2.45
N CYS A 372 9.78 -16.17 -3.43
CA CYS A 372 9.46 -17.50 -3.95
C CYS A 372 9.71 -17.61 -5.44
N VAL A 373 10.33 -18.71 -5.85
CA VAL A 373 10.64 -18.93 -7.25
C VAL A 373 10.19 -20.29 -7.74
N ASN A 374 9.51 -20.31 -8.87
CA ASN A 374 9.06 -21.57 -9.47
C ASN A 374 10.09 -22.12 -10.42
N VAL A 375 10.35 -23.42 -10.29
CA VAL A 375 11.29 -24.11 -11.13
C VAL A 375 10.62 -25.27 -11.86
N PRO A 376 10.45 -25.15 -13.18
CA PRO A 376 9.81 -26.24 -13.93
C PRO A 376 10.63 -27.51 -13.73
N VAL A 377 9.97 -28.61 -13.43
CA VAL A 377 10.69 -29.88 -13.21
C VAL A 377 10.45 -30.93 -14.27
N LEU A 378 9.18 -31.22 -14.52
CA LEU A 378 8.81 -32.23 -15.49
C LEU A 378 7.37 -32.11 -15.94
N LYS A 379 6.94 -33.05 -16.77
CA LYS A 379 5.58 -33.04 -17.26
C LYS A 379 4.93 -34.41 -17.14
N VAL A 380 3.70 -34.41 -16.66
CA VAL A 380 2.93 -35.64 -16.52
C VAL A 380 1.71 -35.55 -17.42
N GLY A 381 1.58 -36.51 -18.33
CA GLY A 381 0.46 -36.49 -19.24
C GLY A 381 0.51 -35.22 -20.07
N GLY A 382 1.72 -34.72 -20.29
CA GLY A 382 1.91 -33.51 -21.07
C GLY A 382 1.73 -32.20 -20.32
N LEU A 383 1.34 -32.28 -19.04
CA LEU A 383 1.13 -31.08 -18.22
C LEU A 383 2.27 -30.82 -17.23
N PRO A 384 2.79 -29.57 -17.25
CA PRO A 384 3.88 -29.16 -16.37
C PRO A 384 3.66 -29.29 -14.86
N ILE A 385 4.77 -29.60 -14.19
CA ILE A 385 4.84 -29.72 -12.74
C ILE A 385 6.11 -29.02 -12.28
N GLY A 386 6.00 -28.15 -11.28
CA GLY A 386 7.17 -27.46 -10.81
C GLY A 386 7.33 -27.49 -9.30
N VAL A 387 8.47 -26.99 -8.84
CA VAL A 387 8.73 -26.91 -7.42
C VAL A 387 8.97 -25.48 -7.03
N GLN A 388 8.74 -25.18 -5.77
CA GLN A 388 8.91 -23.84 -5.26
C GLN A 388 10.16 -23.69 -4.40
N VAL A 389 11.03 -22.78 -4.80
CA VAL A 389 12.26 -22.47 -4.06
C VAL A 389 12.04 -21.23 -3.23
N ILE A 390 12.22 -21.35 -1.92
CA ILE A 390 11.98 -20.24 -1.02
C ILE A 390 13.18 -19.86 -0.15
N ALA A 391 13.57 -18.58 -0.22
CA ALA A 391 14.70 -18.11 0.57
C ALA A 391 14.26 -17.20 1.70
N ARG A 392 15.22 -16.76 2.51
CA ARG A 392 14.93 -15.88 3.62
C ARG A 392 14.41 -14.54 3.12
N PHE A 393 13.54 -13.91 3.89
CA PHE A 393 13.00 -12.60 3.50
C PHE A 393 14.12 -11.66 3.10
N GLY A 394 13.96 -11.01 1.94
CA GLY A 394 14.97 -10.08 1.49
C GLY A 394 16.09 -10.70 0.68
N ASN A 395 16.19 -12.02 0.71
CA ASN A 395 17.24 -12.71 -0.04
C ASN A 395 16.75 -13.23 -1.38
N ASP A 396 16.13 -12.33 -2.14
CA ASP A 396 15.61 -12.66 -3.46
C ASP A 396 16.71 -13.13 -4.39
N ALA A 397 17.85 -12.44 -4.34
CA ALA A 397 18.99 -12.78 -5.18
C ALA A 397 19.44 -14.21 -4.99
N HIS A 398 19.43 -14.66 -3.74
CA HIS A 398 19.83 -16.03 -3.44
C HIS A 398 18.80 -17.04 -3.91
N ALA A 399 17.53 -16.68 -3.80
CA ALA A 399 16.46 -17.57 -4.26
C ALA A 399 16.60 -17.87 -5.74
N LEU A 400 16.88 -16.82 -6.51
CA LEU A 400 17.07 -16.96 -7.96
C LEU A 400 18.31 -17.79 -8.26
N ALA A 401 19.35 -17.55 -7.48
CA ALA A 401 20.62 -18.26 -7.61
C ALA A 401 20.43 -19.76 -7.41
N THR A 402 19.64 -20.12 -6.40
CA THR A 402 19.39 -21.52 -6.11
C THR A 402 18.46 -22.15 -7.12
N ALA A 403 17.46 -21.38 -7.58
CA ALA A 403 16.55 -21.88 -8.60
C ALA A 403 17.35 -22.22 -9.86
N TRP A 404 18.30 -21.35 -10.16
CA TRP A 404 19.18 -21.52 -11.31
C TRP A 404 19.97 -22.82 -11.17
N PHE A 405 20.54 -23.01 -9.98
CA PHE A 405 21.28 -24.23 -9.69
C PHE A 405 20.41 -25.45 -9.94
N LEU A 406 19.16 -25.35 -9.49
CA LEU A 406 18.19 -26.44 -9.62
C LEU A 406 17.83 -26.72 -11.08
N GLU A 407 17.72 -25.66 -11.87
CA GLU A 407 17.40 -25.81 -13.28
C GLU A 407 18.51 -26.61 -13.99
N ASP A 408 19.75 -26.23 -13.71
CA ASP A 408 20.90 -26.92 -14.32
C ASP A 408 21.02 -28.35 -13.83
N ALA A 409 20.69 -28.56 -12.56
CA ALA A 409 20.75 -29.90 -11.98
C ALA A 409 19.77 -30.84 -12.67
N LEU A 410 18.56 -30.33 -12.92
CA LEU A 410 17.54 -31.12 -13.60
C LEU A 410 17.93 -31.42 -15.04
N ALA A 411 18.65 -30.49 -15.65
CA ALA A 411 19.12 -30.66 -17.02
C ALA A 411 20.22 -31.71 -17.06
N LYS A 412 20.52 -32.25 -15.89
CA LYS A 412 21.55 -33.28 -15.70
C LYS A 412 22.96 -32.75 -15.83
N MET B 1 -16.33 25.70 15.97
CA MET B 1 -16.19 24.45 15.16
C MET B 1 -17.36 23.52 15.44
N ILE B 2 -17.70 22.71 14.44
CA ILE B 2 -18.80 21.76 14.58
C ILE B 2 -18.35 20.44 15.16
N SER B 3 -19.00 20.03 16.25
CA SER B 3 -18.69 18.78 16.91
C SER B 3 -19.47 17.60 16.35
N LEU B 4 -18.75 16.60 15.83
CA LEU B 4 -19.38 15.40 15.29
C LEU B 4 -20.17 14.65 16.36
N ALA B 5 -19.54 14.48 17.52
CA ALA B 5 -20.18 13.79 18.64
C ALA B 5 -21.45 14.50 19.08
N ASP B 6 -21.42 15.83 19.05
CA ASP B 6 -22.58 16.65 19.40
C ASP B 6 -23.75 16.37 18.46
N LEU B 7 -23.45 16.42 17.16
CA LEU B 7 -24.46 16.15 16.14
C LEU B 7 -25.07 14.75 16.31
N GLN B 8 -24.20 13.77 16.54
CA GLN B 8 -24.65 12.39 16.75
C GLN B 8 -25.68 12.29 17.84
N ARG B 9 -25.35 12.86 19.00
CA ARG B 9 -26.26 12.83 20.15
C ARG B 9 -27.60 13.49 19.85
N ARG B 10 -27.56 14.68 19.26
CA ARG B 10 -28.80 15.37 18.93
C ARG B 10 -29.60 14.66 17.87
N ILE B 11 -28.91 14.08 16.89
CA ILE B 11 -29.58 13.33 15.84
C ILE B 11 -30.18 12.05 16.41
N GLU B 12 -29.43 11.41 17.30
CA GLU B 12 -29.87 10.16 17.94
C GLU B 12 -31.16 10.33 18.76
N THR B 13 -31.30 11.46 19.44
CA THR B 13 -32.49 11.70 20.26
C THR B 13 -33.67 12.25 19.45
N GLY B 14 -33.44 12.53 18.17
CA GLY B 14 -34.49 13.04 17.32
C GLY B 14 -34.61 14.55 17.37
N GLU B 15 -33.69 15.19 18.09
CA GLU B 15 -33.69 16.64 18.20
C GLU B 15 -33.25 17.34 16.92
N LEU B 16 -32.47 16.61 16.13
CA LEU B 16 -31.96 17.12 14.87
C LEU B 16 -32.07 16.08 13.77
N SER B 17 -32.69 16.45 12.66
CA SER B 17 -32.80 15.51 11.55
C SER B 17 -31.53 15.50 10.72
N PRO B 18 -31.21 14.35 10.11
CA PRO B 18 -30.00 14.29 9.30
C PRO B 18 -30.01 15.37 8.21
N ASN B 19 -31.16 15.56 7.59
CA ASN B 19 -31.28 16.57 6.54
C ASN B 19 -30.90 17.95 7.03
N ALA B 20 -31.38 18.28 8.22
CA ALA B 20 -31.08 19.58 8.82
C ALA B 20 -29.61 19.71 9.11
N ALA B 21 -29.03 18.64 9.64
CA ALA B 21 -27.61 18.61 9.96
C ALA B 21 -26.77 18.91 8.72
N ILE B 22 -27.11 18.23 7.62
CA ILE B 22 -26.40 18.43 6.37
C ILE B 22 -26.64 19.83 5.81
N ALA B 23 -27.87 20.32 5.99
CA ALA B 23 -28.20 21.67 5.54
C ALA B 23 -27.33 22.67 6.28
N GLN B 24 -27.10 22.36 7.56
CA GLN B 24 -26.26 23.19 8.43
C GLN B 24 -24.86 23.36 7.85
N SER B 25 -24.28 22.24 7.43
CA SER B 25 -22.93 22.23 6.85
C SER B 25 -22.84 23.04 5.59
N HIS B 26 -23.74 22.79 4.65
CA HIS B 26 -23.74 23.54 3.40
C HIS B 26 -23.74 25.04 3.70
N ALA B 27 -24.62 25.45 4.59
CA ALA B 27 -24.71 26.86 4.98
C ALA B 27 -23.41 27.37 5.59
N ALA B 28 -22.76 26.51 6.39
CA ALA B 28 -21.51 26.86 7.02
C ALA B 28 -20.38 27.03 6.01
N ILE B 29 -20.35 26.13 5.02
CA ILE B 29 -19.34 26.20 3.97
C ILE B 29 -19.55 27.46 3.15
N GLU B 30 -20.81 27.71 2.84
CA GLU B 30 -21.22 28.87 2.06
C GLU B 30 -20.83 30.19 2.69
N ALA B 31 -20.93 30.24 4.02
CA ALA B 31 -20.63 31.47 4.76
C ALA B 31 -19.15 31.82 4.89
N ARG B 32 -18.25 30.84 4.79
CA ARG B 32 -16.83 31.13 4.96
C ARG B 32 -15.92 30.69 3.81
N GLU B 33 -16.44 29.85 2.91
CA GLU B 33 -15.63 29.35 1.80
C GLU B 33 -15.02 30.41 0.90
N LYS B 34 -15.79 31.45 0.58
CA LYS B 34 -15.29 32.49 -0.30
C LYS B 34 -14.08 33.22 0.27
N GLU B 35 -13.87 33.11 1.56
CA GLU B 35 -12.70 33.76 2.16
C GLU B 35 -11.60 32.80 2.57
N VAL B 36 -11.96 31.56 2.90
CA VAL B 36 -10.97 30.56 3.31
C VAL B 36 -10.41 29.74 2.15
N HIS B 37 -11.28 29.45 1.18
CA HIS B 37 -10.89 28.67 0.00
C HIS B 37 -10.33 27.30 0.38
N ALA B 38 -11.08 26.61 1.25
CA ALA B 38 -10.70 25.29 1.75
C ALA B 38 -11.16 24.13 0.89
N PHE B 39 -12.11 24.41 0.00
CA PHE B 39 -12.65 23.37 -0.87
C PHE B 39 -12.26 23.50 -2.33
N VAL B 40 -11.83 22.39 -2.91
CA VAL B 40 -11.54 22.37 -4.33
C VAL B 40 -12.86 22.23 -5.04
N ARG B 41 -13.75 21.50 -4.37
CA ARG B 41 -15.08 21.25 -4.87
C ARG B 41 -16.11 21.01 -3.77
N HIS B 42 -17.12 21.87 -3.76
CA HIS B 42 -18.21 21.75 -2.80
C HIS B 42 -19.44 21.21 -3.50
N ASP B 43 -19.83 19.99 -3.15
CA ASP B 43 -21.03 19.40 -3.75
C ASP B 43 -22.28 19.88 -3.04
N LYS B 44 -22.86 20.97 -3.57
CA LYS B 44 -24.07 21.56 -3.00
C LYS B 44 -25.25 20.63 -2.97
N SER B 45 -25.26 19.62 -3.83
CA SER B 45 -26.39 18.69 -3.88
C SER B 45 -26.23 17.52 -2.93
N ALA B 46 -25.08 17.43 -2.28
CA ALA B 46 -24.82 16.33 -1.33
C ALA B 46 -25.92 16.26 -0.28
N ARG B 47 -26.57 15.11 -0.19
CA ARG B 47 -27.66 14.92 0.76
C ARG B 47 -27.32 13.95 1.87
N ALA B 48 -28.11 14.01 2.94
CA ALA B 48 -27.94 13.15 4.10
C ALA B 48 -28.47 11.76 3.86
N GLN B 49 -27.91 10.78 4.58
CA GLN B 49 -28.40 9.42 4.49
C GLN B 49 -29.42 9.21 5.59
N ALA B 50 -30.26 8.19 5.45
CA ALA B 50 -31.31 7.93 6.45
C ALA B 50 -30.88 7.10 7.66
N SER B 51 -29.82 6.33 7.51
CA SER B 51 -29.38 5.49 8.62
C SER B 51 -27.88 5.44 8.80
N GLY B 52 -27.46 4.82 9.90
CA GLY B 52 -26.05 4.68 10.20
C GLY B 52 -25.62 5.67 11.25
N PRO B 53 -24.56 5.36 12.01
CA PRO B 53 -24.04 6.23 13.07
C PRO B 53 -23.58 7.61 12.61
N LEU B 54 -23.23 7.74 11.34
CA LEU B 54 -22.79 9.03 10.83
C LEU B 54 -23.82 9.76 9.97
N ARG B 55 -25.08 9.31 10.02
CA ARG B 55 -26.11 9.99 9.25
C ARG B 55 -26.20 11.44 9.70
N GLY B 56 -26.23 12.36 8.73
CA GLY B 56 -26.32 13.77 9.05
C GLY B 56 -24.94 14.38 9.27
N ILE B 57 -23.90 13.57 9.09
CA ILE B 57 -22.52 14.03 9.27
C ILE B 57 -21.82 14.33 7.95
N ALA B 58 -21.51 15.60 7.74
CA ALA B 58 -20.82 16.03 6.53
C ALA B 58 -19.32 15.88 6.65
N VAL B 59 -18.70 15.31 5.61
CA VAL B 59 -17.26 15.10 5.64
C VAL B 59 -16.55 15.65 4.41
N GLY B 60 -15.44 16.35 4.67
CA GLY B 60 -14.63 16.89 3.61
C GLY B 60 -13.51 15.89 3.33
N ILE B 61 -13.19 15.66 2.06
CA ILE B 61 -12.15 14.70 1.71
C ILE B 61 -10.97 15.33 0.97
N LYS B 62 -9.77 15.21 1.55
CA LYS B 62 -8.56 15.75 0.91
C LYS B 62 -8.50 15.28 -0.55
N ASP B 63 -8.16 16.18 -1.47
CA ASP B 63 -8.20 15.82 -2.89
C ASP B 63 -7.11 14.93 -3.49
N ILE B 64 -6.52 14.06 -2.67
CA ILE B 64 -5.56 13.06 -3.19
C ILE B 64 -6.19 11.70 -2.96
N ILE B 65 -7.37 11.76 -2.33
CA ILE B 65 -8.18 10.58 -2.02
C ILE B 65 -9.31 10.43 -3.02
N ASP B 66 -9.36 9.27 -3.68
CA ASP B 66 -10.36 8.99 -4.71
C ASP B 66 -11.82 9.04 -4.27
N THR B 67 -12.62 9.62 -5.16
CA THR B 67 -14.07 9.72 -5.03
C THR B 67 -14.65 9.40 -6.39
N ALA B 68 -15.76 8.65 -6.43
CA ALA B 68 -16.36 8.26 -7.70
C ALA B 68 -17.35 9.26 -8.27
N ASN B 69 -17.90 10.12 -7.41
CA ASN B 69 -18.88 11.11 -7.84
C ASN B 69 -18.30 12.51 -8.02
N MET B 70 -17.06 12.68 -7.60
CA MET B 70 -16.35 13.97 -7.70
C MET B 70 -14.93 13.78 -8.18
N PRO B 71 -14.38 14.77 -8.90
CA PRO B 71 -13.01 14.64 -9.39
C PRO B 71 -11.99 14.59 -8.27
N THR B 72 -10.83 14.04 -8.60
CA THR B 72 -9.69 13.93 -7.69
C THR B 72 -8.48 14.41 -8.48
N GLU B 73 -8.16 15.69 -8.30
CA GLU B 73 -7.10 16.35 -9.06
C GLU B 73 -5.73 16.46 -8.42
N MET B 74 -5.54 15.81 -7.28
CA MET B 74 -4.24 15.80 -6.60
C MET B 74 -3.60 17.17 -6.39
N GLY B 75 -4.40 18.23 -6.53
CA GLY B 75 -3.88 19.56 -6.36
C GLY B 75 -2.86 19.92 -7.43
N SER B 76 -2.99 19.29 -8.60
CA SER B 76 -2.07 19.52 -9.71
C SER B 76 -2.77 19.62 -11.06
N GLU B 77 -2.24 20.47 -11.94
CA GLU B 77 -2.82 20.65 -13.28
C GLU B 77 -2.71 19.37 -14.07
N ILE B 78 -1.74 18.54 -13.69
CA ILE B 78 -1.54 17.27 -14.37
C ILE B 78 -2.77 16.38 -14.26
N TYR B 79 -3.51 16.56 -13.16
CA TYR B 79 -4.73 15.79 -12.95
C TYR B 79 -6.01 16.61 -13.02
N ARG B 80 -5.95 17.70 -13.77
CA ARG B 80 -7.10 18.56 -13.95
C ARG B 80 -8.23 17.75 -14.57
N GLY B 81 -9.38 17.74 -13.92
CA GLY B 81 -10.51 17.00 -14.45
C GLY B 81 -10.45 15.49 -14.32
N TRP B 82 -9.44 14.97 -13.62
CA TRP B 82 -9.31 13.53 -13.43
C TRP B 82 -10.43 12.96 -12.56
N GLN B 83 -11.08 11.92 -13.05
CA GLN B 83 -12.19 11.30 -12.33
C GLN B 83 -12.01 9.81 -12.07
N PRO B 84 -11.70 9.45 -10.81
CA PRO B 84 -11.52 8.05 -10.43
C PRO B 84 -12.81 7.27 -10.65
N ARG B 85 -12.67 5.98 -10.94
CA ARG B 85 -13.83 5.12 -11.18
C ARG B 85 -14.55 4.76 -9.89
N SER B 86 -13.78 4.58 -8.82
CA SER B 86 -14.34 4.18 -7.54
C SER B 86 -13.98 5.08 -6.39
N ASP B 87 -14.75 4.94 -5.31
CA ASP B 87 -14.50 5.66 -4.08
C ASP B 87 -13.43 4.90 -3.32
N ALA B 88 -12.48 5.61 -2.71
CA ALA B 88 -11.44 4.91 -1.96
C ALA B 88 -12.03 4.22 -0.73
N PRO B 89 -11.45 3.08 -0.34
CA PRO B 89 -11.94 2.34 0.83
C PRO B 89 -12.27 3.22 2.04
N VAL B 90 -11.40 4.18 2.37
CA VAL B 90 -11.70 5.04 3.53
C VAL B 90 -12.96 5.86 3.33
N VAL B 91 -13.21 6.28 2.09
CA VAL B 91 -14.42 7.03 1.78
C VAL B 91 -15.63 6.14 1.94
N MET B 92 -15.48 4.88 1.51
CA MET B 92 -16.57 3.92 1.63
C MET B 92 -16.87 3.59 3.10
N MET B 93 -15.83 3.59 3.93
CA MET B 93 -16.05 3.34 5.35
C MET B 93 -16.98 4.38 5.93
N LEU B 94 -16.77 5.62 5.49
CA LEU B 94 -17.59 6.74 5.93
C LEU B 94 -19.02 6.64 5.38
N LYS B 95 -19.15 6.39 4.08
CA LYS B 95 -20.46 6.28 3.45
C LYS B 95 -21.28 5.12 4.01
N ARG B 96 -20.63 3.98 4.23
CA ARG B 96 -21.33 2.82 4.77
C ARG B 96 -21.86 3.10 6.17
N ALA B 97 -21.19 4.00 6.87
CA ALA B 97 -21.59 4.38 8.23
C ALA B 97 -22.71 5.42 8.20
N GLY B 98 -23.09 5.82 6.99
CA GLY B 98 -24.16 6.79 6.83
C GLY B 98 -23.73 8.24 6.62
N ALA B 99 -22.43 8.45 6.45
CA ALA B 99 -21.91 9.81 6.26
C ALA B 99 -22.17 10.39 4.87
N THR B 100 -22.11 11.71 4.80
CA THR B 100 -22.29 12.44 3.56
C THR B 100 -21.00 13.08 3.12
N ILE B 101 -20.49 12.67 1.96
CA ILE B 101 -19.28 13.28 1.43
C ILE B 101 -19.68 14.61 0.82
N ILE B 102 -19.41 15.69 1.55
CA ILE B 102 -19.84 17.00 1.08
C ILE B 102 -18.92 17.71 0.11
N GLY B 103 -17.70 17.20 -0.05
CA GLY B 103 -16.80 17.83 -1.00
C GLY B 103 -15.34 17.45 -0.86
N LYS B 104 -14.54 17.90 -1.81
CA LYS B 104 -13.11 17.64 -1.81
C LYS B 104 -12.35 18.85 -1.32
N THR B 105 -11.49 18.66 -0.34
CA THR B 105 -10.73 19.77 0.23
C THR B 105 -9.37 19.90 -0.44
N THR B 106 -8.89 21.14 -0.45
CA THR B 106 -7.61 21.44 -1.09
C THR B 106 -6.44 20.68 -0.51
N THR B 107 -5.52 20.37 -1.40
CA THR B 107 -4.29 19.70 -1.08
C THR B 107 -3.18 20.29 -1.93
N THR B 108 -1.98 20.36 -1.37
CA THR B 108 -0.86 20.86 -2.15
C THR B 108 -0.60 19.86 -3.27
N ALA B 109 0.06 20.29 -4.34
CA ALA B 109 0.34 19.39 -5.45
C ALA B 109 1.03 18.11 -4.97
N PHE B 110 0.38 16.98 -5.22
CA PHE B 110 0.89 15.66 -4.82
C PHE B 110 1.30 15.61 -3.35
N ALA B 111 0.58 16.38 -2.54
CA ALA B 111 0.81 16.43 -1.09
C ALA B 111 2.23 16.83 -0.70
N SER B 112 2.82 17.74 -1.47
CA SER B 112 4.16 18.20 -1.16
C SER B 112 4.20 19.63 -0.57
N ARG B 113 5.29 20.35 -0.85
CA ARG B 113 5.54 21.71 -0.31
C ARG B 113 4.85 22.90 -0.98
N ASP B 114 4.46 22.75 -2.23
CA ASP B 114 3.83 23.86 -2.95
C ASP B 114 2.50 24.30 -2.34
N PRO B 115 2.48 25.50 -1.73
CA PRO B 115 1.31 26.09 -1.09
C PRO B 115 0.07 26.16 -1.97
N THR B 116 -1.08 25.96 -1.35
CA THR B 116 -2.36 26.09 -2.04
C THR B 116 -2.87 27.51 -1.82
N ALA B 117 -4.04 27.83 -2.32
CA ALA B 117 -4.59 29.18 -2.13
C ALA B 117 -5.37 29.29 -0.82
N THR B 118 -5.52 28.15 -0.13
CA THR B 118 -6.25 28.12 1.14
C THR B 118 -5.66 29.03 2.19
N LEU B 119 -6.53 29.65 2.98
CA LEU B 119 -6.10 30.58 4.03
C LEU B 119 -6.51 30.13 5.41
N ASN B 120 -5.70 30.51 6.40
CA ASN B 120 -5.96 30.18 7.79
C ASN B 120 -7.22 30.89 8.29
N PRO B 121 -8.19 30.12 8.81
CA PRO B 121 -9.47 30.61 9.33
C PRO B 121 -9.35 31.67 10.42
N HIS B 122 -8.27 31.58 11.20
CA HIS B 122 -8.03 32.52 12.29
C HIS B 122 -7.40 33.83 11.84
N ASN B 123 -6.79 33.80 10.66
CA ASN B 123 -6.14 34.97 10.07
C ASN B 123 -5.78 34.69 8.62
N THR B 124 -6.60 35.21 7.72
CA THR B 124 -6.42 35.01 6.29
C THR B 124 -5.07 35.43 5.73
N GLY B 125 -4.21 36.01 6.56
CA GLY B 125 -2.91 36.42 6.09
C GLY B 125 -1.87 35.35 6.35
N HIS B 126 -2.32 34.25 6.95
CA HIS B 126 -1.43 33.14 7.28
C HIS B 126 -1.83 31.83 6.64
N SER B 127 -0.86 30.93 6.60
CA SER B 127 -1.08 29.60 6.03
C SER B 127 -1.84 28.69 6.96
N PRO B 128 -2.67 27.80 6.39
CA PRO B 128 -3.45 26.86 7.20
C PRO B 128 -2.61 25.60 7.42
N GLY B 129 -1.39 25.65 6.87
CA GLY B 129 -0.50 24.52 6.96
C GLY B 129 -0.70 23.64 5.75
N GLY B 130 0.02 22.52 5.70
CA GLY B 130 -0.10 21.60 4.59
C GLY B 130 0.43 20.24 5.00
N SER B 131 0.28 19.22 4.14
CA SER B 131 -0.35 19.34 2.82
C SER B 131 -1.88 19.25 2.86
N SER B 132 -2.42 18.84 4.01
CA SER B 132 -3.87 18.72 4.18
C SER B 132 -4.49 20.06 4.53
N SER B 133 -4.16 21.05 3.71
CA SER B 133 -4.61 22.43 3.91
C SER B 133 -6.11 22.62 4.04
N GLY B 134 -6.84 22.19 3.02
CA GLY B 134 -8.29 22.34 3.02
C GLY B 134 -9.03 21.66 4.16
N SER B 135 -8.64 20.43 4.47
CA SER B 135 -9.30 19.68 5.54
C SER B 135 -9.18 20.37 6.89
N ALA B 136 -7.98 20.85 7.19
CA ALA B 136 -7.75 21.54 8.45
C ALA B 136 -8.48 22.88 8.49
N ALA B 137 -8.37 23.64 7.41
CA ALA B 137 -9.02 24.95 7.33
C ALA B 137 -10.55 24.86 7.41
N ALA B 138 -11.13 23.89 6.71
CA ALA B 138 -12.60 23.71 6.71
C ALA B 138 -13.15 23.41 8.08
N VAL B 139 -12.49 22.51 8.81
CA VAL B 139 -12.91 22.18 10.16
C VAL B 139 -12.65 23.35 11.09
N GLY B 140 -11.47 23.96 10.93
CA GLY B 140 -11.09 25.09 11.76
C GLY B 140 -12.00 26.30 11.58
N ALA B 141 -12.63 26.40 10.41
CA ALA B 141 -13.53 27.52 10.13
C ALA B 141 -14.97 27.23 10.51
N GLY B 142 -15.18 26.05 11.11
CA GLY B 142 -16.52 25.65 11.52
C GLY B 142 -17.43 25.30 10.36
N MET B 143 -16.85 24.83 9.27
CA MET B 143 -17.64 24.46 8.07
C MET B 143 -18.21 23.06 8.12
N ILE B 144 -17.40 22.13 8.62
CA ILE B 144 -17.78 20.73 8.69
C ILE B 144 -17.28 20.07 9.96
N PRO B 145 -17.99 19.03 10.44
CA PRO B 145 -17.60 18.32 11.65
C PRO B 145 -16.46 17.31 11.49
N LEU B 146 -16.21 16.88 10.26
CA LEU B 146 -15.14 15.92 10.01
C LEU B 146 -14.51 16.05 8.63
N ALA B 147 -13.22 15.74 8.57
CA ALA B 147 -12.48 15.78 7.31
C ALA B 147 -11.31 14.82 7.31
N LEU B 148 -11.06 14.22 6.15
CA LEU B 148 -9.95 13.28 6.01
C LEU B 148 -8.75 13.93 5.36
N GLY B 149 -7.58 13.60 5.88
CA GLY B 149 -6.35 14.13 5.33
C GLY B 149 -5.35 13.00 5.31
N THR B 150 -4.09 13.34 5.09
CA THR B 150 -3.02 12.33 5.09
C THR B 150 -1.75 12.90 5.65
N GLN B 151 -0.88 12.02 6.12
CA GLN B 151 0.39 12.44 6.68
C GLN B 151 1.52 11.52 6.27
N THR B 152 2.57 12.14 5.74
CA THR B 152 3.79 11.46 5.32
C THR B 152 4.96 12.04 6.08
N GLY B 153 4.84 13.34 6.34
CA GLY B 153 5.80 14.09 7.12
C GLY B 153 5.02 14.54 8.33
N GLY B 154 4.14 15.54 8.14
CA GLY B 154 3.31 16.04 9.22
C GLY B 154 2.07 16.77 8.72
N SER B 155 1.57 16.37 7.56
CA SER B 155 0.41 17.04 6.93
C SER B 155 -0.91 16.81 7.67
N VAL B 156 -0.90 16.13 8.81
CA VAL B 156 -2.14 16.01 9.57
C VAL B 156 -2.05 16.84 10.83
N ILE B 157 -1.06 16.52 11.65
CA ILE B 157 -0.83 17.23 12.92
C ILE B 157 -0.49 18.70 12.77
N ARG B 158 0.42 19.03 11.84
CA ARG B 158 0.84 20.42 11.65
C ARG B 158 -0.29 21.37 11.25
N PRO B 159 -1.04 21.05 10.17
CA PRO B 159 -2.12 21.95 9.79
C PRO B 159 -3.20 22.03 10.87
N ALA B 160 -3.41 20.92 11.57
CA ALA B 160 -4.38 20.92 12.65
C ALA B 160 -3.99 21.94 13.72
N ALA B 161 -2.71 21.93 14.08
CA ALA B 161 -2.19 22.87 15.07
C ALA B 161 -2.36 24.30 14.59
N TYR B 162 -1.94 24.55 13.35
CA TYR B 162 -2.05 25.88 12.75
C TYR B 162 -3.48 26.41 12.73
N CYS B 163 -4.43 25.51 12.46
CA CYS B 163 -5.85 25.89 12.38
C CYS B 163 -6.63 25.68 13.68
N GLY B 164 -5.93 25.25 14.74
CA GLY B 164 -6.58 25.04 16.02
C GLY B 164 -7.67 23.98 16.10
N THR B 165 -7.50 22.90 15.36
CA THR B 165 -8.49 21.84 15.38
C THR B 165 -7.92 20.57 15.96
N ALA B 166 -8.82 19.68 16.39
CA ALA B 166 -8.39 18.40 16.89
C ALA B 166 -8.11 17.52 15.69
N ALA B 167 -7.14 16.62 15.82
CA ALA B 167 -6.81 15.76 14.72
C ALA B 167 -6.02 14.56 15.16
N ILE B 168 -6.14 13.50 14.38
CA ILE B 168 -5.41 12.30 14.68
C ILE B 168 -4.86 11.57 13.48
N LYS B 169 -3.59 11.21 13.62
CA LYS B 169 -2.89 10.40 12.66
C LYS B 169 -2.84 9.04 13.31
N PRO B 170 -3.78 8.16 12.96
CA PRO B 170 -3.85 6.81 13.53
C PRO B 170 -2.58 6.01 13.36
N SER B 171 -2.52 4.87 14.03
CA SER B 171 -1.37 4.00 13.89
C SER B 171 -1.20 3.64 12.43
N PHE B 172 0.05 3.53 12.01
CA PHE B 172 0.36 3.21 10.61
C PHE B 172 -0.42 2.00 10.09
N ARG B 173 -0.99 2.19 8.90
CA ARG B 173 -1.76 1.15 8.22
C ARG B 173 -3.06 0.73 8.89
N MET B 174 -3.50 1.43 9.93
CA MET B 174 -4.77 1.04 10.54
C MET B 174 -5.92 1.34 9.60
N LEU B 175 -5.74 2.39 8.82
CA LEU B 175 -6.71 2.79 7.80
C LEU B 175 -6.08 2.52 6.44
N PRO B 176 -6.82 1.88 5.52
CA PRO B 176 -6.23 1.60 4.20
C PRO B 176 -5.87 2.84 3.40
N THR B 177 -4.77 2.74 2.67
CA THR B 177 -4.32 3.84 1.83
C THR B 177 -4.66 3.60 0.38
N VAL B 178 -5.46 2.56 0.14
CA VAL B 178 -5.91 2.24 -1.20
C VAL B 178 -6.71 3.42 -1.74
N GLY B 179 -6.54 3.75 -3.00
CA GLY B 179 -7.26 4.88 -3.57
C GLY B 179 -6.77 6.20 -3.02
N VAL B 180 -5.58 6.18 -2.43
CA VAL B 180 -4.95 7.38 -1.87
C VAL B 180 -3.63 7.63 -2.56
N LYS B 181 -3.59 8.68 -3.38
CA LYS B 181 -2.37 9.03 -4.12
C LYS B 181 -1.14 8.85 -3.26
N CYS B 182 -0.27 7.94 -3.68
CA CYS B 182 0.95 7.63 -2.94
C CYS B 182 2.15 8.53 -3.23
N TYR B 183 2.85 8.84 -2.15
CA TYR B 183 4.07 9.64 -2.22
C TYR B 183 5.22 8.79 -1.69
N SER B 184 4.95 8.15 -0.55
CA SER B 184 5.85 7.25 0.12
C SER B 184 5.04 6.17 0.84
N TRP B 185 4.95 4.99 0.23
CA TRP B 185 4.18 3.89 0.81
C TRP B 185 4.63 3.46 2.19
N ALA B 186 5.86 3.81 2.54
CA ALA B 186 6.39 3.45 3.86
C ALA B 186 5.91 4.42 4.95
N LEU B 187 5.44 5.59 4.52
CA LEU B 187 5.00 6.62 5.46
C LEU B 187 3.53 7.04 5.36
N ASP B 188 3.03 7.19 4.13
CA ASP B 188 1.63 7.62 3.91
C ASP B 188 0.65 7.04 4.91
N THR B 189 -0.02 7.93 5.63
CA THR B 189 -1.02 7.54 6.63
C THR B 189 -2.24 8.45 6.60
N VAL B 190 -3.42 7.84 6.57
CA VAL B 190 -4.66 8.62 6.56
C VAL B 190 -4.97 9.17 7.94
N GLY B 191 -5.43 10.41 8.00
CA GLY B 191 -5.75 11.03 9.28
C GLY B 191 -7.10 11.71 9.27
N LEU B 192 -7.58 12.06 10.46
CA LEU B 192 -8.89 12.72 10.62
C LEU B 192 -8.80 14.06 11.35
N PHE B 193 -9.65 14.98 10.94
CA PHE B 193 -9.77 16.30 11.55
C PHE B 193 -11.16 16.47 12.13
N GLY B 194 -11.23 17.06 13.32
CA GLY B 194 -12.50 17.28 13.98
C GLY B 194 -12.38 18.37 15.01
N ALA B 195 -13.47 18.66 15.72
CA ALA B 195 -13.46 19.70 16.75
C ALA B 195 -12.68 19.28 17.99
N ARG B 196 -13.01 18.11 18.52
CA ARG B 196 -12.35 17.60 19.72
C ARG B 196 -11.99 16.12 19.62
N ALA B 197 -11.18 15.66 20.57
CA ALA B 197 -10.76 14.26 20.60
C ALA B 197 -11.94 13.30 20.51
N GLU B 198 -12.98 13.59 21.27
CA GLU B 198 -14.17 12.74 21.26
C GLU B 198 -14.74 12.59 19.85
N ASP B 199 -14.72 13.68 19.10
CA ASP B 199 -15.23 13.64 17.73
C ASP B 199 -14.43 12.68 16.87
N LEU B 200 -13.12 12.66 17.10
CA LEU B 200 -12.22 11.77 16.38
C LEU B 200 -12.49 10.31 16.71
N ALA B 201 -12.73 10.05 17.98
CA ALA B 201 -13.03 8.70 18.45
C ALA B 201 -14.30 8.16 17.80
N ARG B 202 -15.35 8.98 17.82
CA ARG B 202 -16.63 8.61 17.23
C ARG B 202 -16.51 8.37 15.74
N GLY B 203 -15.65 9.15 15.10
CA GLY B 203 -15.42 9.00 13.67
C GLY B 203 -14.75 7.67 13.37
N LEU B 204 -13.68 7.36 14.10
CA LEU B 204 -12.96 6.11 13.89
C LEU B 204 -13.83 4.89 14.20
N LEU B 205 -14.66 5.02 15.23
CA LEU B 205 -15.55 3.93 15.61
C LEU B 205 -16.48 3.55 14.49
N ALA B 206 -17.10 4.57 13.88
CA ALA B 206 -18.02 4.36 12.77
C ALA B 206 -17.32 3.84 11.52
N MET B 207 -16.09 4.29 11.30
CA MET B 207 -15.32 3.89 10.13
C MET B 207 -14.77 2.47 10.19
N THR B 208 -14.19 2.14 11.34
CA THR B 208 -13.57 0.83 11.57
C THR B 208 -14.45 -0.22 12.23
N GLY B 209 -15.33 0.23 13.12
CA GLY B 209 -16.19 -0.69 13.83
C GLY B 209 -15.46 -1.41 14.95
N ARG B 210 -14.29 -0.91 15.31
CA ARG B 210 -13.46 -1.52 16.38
C ARG B 210 -13.88 -1.07 17.78
N SER B 211 -14.21 -2.05 18.62
CA SER B 211 -14.66 -1.77 19.99
C SER B 211 -13.72 -0.88 20.80
N GLU B 212 -12.44 -0.86 20.42
CA GLU B 212 -11.46 -0.02 21.13
C GLU B 212 -11.84 1.46 21.09
N PHE B 213 -12.60 1.86 20.08
CA PHE B 213 -13.02 3.25 19.96
C PHE B 213 -14.38 3.48 20.57
N SER B 214 -14.98 2.41 21.08
CA SER B 214 -16.28 2.50 21.70
C SER B 214 -16.18 2.71 23.19
N GLY B 215 -17.00 3.61 23.72
CA GLY B 215 -16.97 3.89 25.14
C GLY B 215 -15.78 4.70 25.62
N ILE B 216 -15.06 5.33 24.70
CA ILE B 216 -13.91 6.14 25.09
C ILE B 216 -14.33 7.32 25.94
N VAL B 217 -13.57 7.52 27.01
CA VAL B 217 -13.81 8.58 27.99
C VAL B 217 -12.50 9.25 28.38
N PRO B 218 -12.55 10.48 28.92
CA PRO B 218 -11.30 11.14 29.31
C PRO B 218 -10.44 10.28 30.23
N ALA B 219 -9.13 10.38 30.05
CA ALA B 219 -8.20 9.63 30.89
C ALA B 219 -8.05 10.30 32.24
N LYS B 220 -7.65 9.52 33.24
CA LYS B 220 -7.47 10.05 34.60
C LYS B 220 -6.01 9.98 35.02
N ALA B 221 -5.49 11.10 35.50
CA ALA B 221 -4.09 11.19 35.95
C ALA B 221 -3.14 10.34 35.13
N PRO B 222 -3.03 10.62 33.83
CA PRO B 222 -2.13 9.86 32.96
C PRO B 222 -0.65 10.11 33.23
N ARG B 223 0.17 9.13 32.89
CA ARG B 223 1.61 9.25 33.04
C ARG B 223 2.19 9.80 31.77
N ILE B 224 2.45 11.11 31.76
CA ILE B 224 2.98 11.79 30.58
C ILE B 224 4.49 11.96 30.57
N GLY B 225 5.07 11.72 29.40
CA GLY B 225 6.51 11.88 29.22
C GLY B 225 6.76 13.00 28.21
N VAL B 226 7.30 14.12 28.68
CA VAL B 226 7.57 15.26 27.81
C VAL B 226 8.88 15.13 27.03
N VAL B 227 8.78 15.26 25.71
CA VAL B 227 9.95 15.19 24.84
C VAL B 227 9.97 16.40 23.91
N ARG B 228 11.09 17.11 23.88
CA ARG B 228 11.18 18.30 23.04
C ARG B 228 11.85 18.08 21.69
N GLN B 229 12.17 16.83 21.37
CA GLN B 229 12.80 16.52 20.08
C GLN B 229 13.96 17.46 19.74
N GLU B 230 14.99 17.46 20.60
CA GLU B 230 16.15 18.33 20.42
C GLU B 230 16.83 18.16 19.06
N PHE B 231 16.83 16.93 18.57
CA PHE B 231 17.45 16.63 17.27
C PHE B 231 16.89 17.49 16.13
N ALA B 232 15.69 18.00 16.33
CA ALA B 232 15.04 18.84 15.30
C ALA B 232 15.29 20.33 15.50
N GLY B 233 16.11 20.66 16.50
CA GLY B 233 16.41 22.05 16.75
C GLY B 233 15.39 22.70 17.67
N ALA B 234 15.66 23.94 18.07
CA ALA B 234 14.75 24.65 18.96
C ALA B 234 13.53 25.15 18.23
N VAL B 235 12.41 25.13 18.94
CA VAL B 235 11.17 25.58 18.36
C VAL B 235 10.98 27.07 18.59
N GLU B 236 10.00 27.66 17.90
CA GLU B 236 9.71 29.07 18.07
C GLU B 236 9.08 29.31 19.43
N PRO B 237 9.28 30.51 20.02
CA PRO B 237 8.73 30.87 21.33
C PRO B 237 7.28 30.48 21.58
N ALA B 238 6.41 30.82 20.62
CA ALA B 238 4.99 30.50 20.74
C ALA B 238 4.76 29.01 21.01
N ALA B 239 5.50 28.17 20.28
CA ALA B 239 5.39 26.71 20.45
C ALA B 239 5.74 26.27 21.85
N GLU B 240 6.84 26.80 22.38
CA GLU B 240 7.27 26.47 23.74
C GLU B 240 6.26 26.96 24.77
N GLN B 241 5.75 28.16 24.51
CA GLN B 241 4.74 28.77 25.37
C GLN B 241 3.51 27.86 25.51
N GLY B 242 3.15 27.23 24.39
CA GLY B 242 2.01 26.34 24.37
C GLY B 242 2.30 25.04 25.10
N LEU B 243 3.51 24.52 24.95
CA LEU B 243 3.88 23.29 25.62
C LEU B 243 3.89 23.47 27.13
N GLN B 244 4.45 24.58 27.58
CA GLN B 244 4.50 24.89 29.01
C GLN B 244 3.11 25.02 29.60
N ALA B 245 2.20 25.59 28.83
CA ALA B 245 0.80 25.77 29.27
C ALA B 245 0.09 24.43 29.40
N ALA B 246 0.40 23.53 28.48
CA ALA B 246 -0.19 22.20 28.48
C ALA B 246 0.29 21.37 29.68
N ILE B 247 1.59 21.43 29.92
CA ILE B 247 2.19 20.71 31.04
C ILE B 247 1.60 21.17 32.37
N LYS B 248 1.49 22.48 32.53
CA LYS B 248 0.94 23.07 33.75
C LYS B 248 -0.51 22.64 33.96
N ALA B 249 -1.32 22.73 32.91
CA ALA B 249 -2.72 22.34 33.01
C ALA B 249 -2.88 20.86 33.36
N ALA B 250 -2.05 20.03 32.72
CA ALA B 250 -2.09 18.59 32.99
C ALA B 250 -1.72 18.27 34.43
N GLU B 251 -0.68 18.93 34.92
CA GLU B 251 -0.24 18.71 36.29
C GLU B 251 -1.32 19.10 37.28
N ARG B 252 -1.91 20.27 37.07
CA ARG B 252 -2.97 20.75 37.96
C ARG B 252 -4.24 19.92 37.82
N ALA B 253 -4.23 19.00 36.87
CA ALA B 253 -5.37 18.12 36.63
C ALA B 253 -5.13 16.73 37.19
N GLY B 254 -3.98 16.55 37.83
CA GLY B 254 -3.64 15.28 38.44
C GLY B 254 -2.72 14.38 37.64
N ALA B 255 -2.18 14.88 36.53
CA ALA B 255 -1.29 14.07 35.71
C ALA B 255 0.16 14.14 36.18
N SER B 256 0.87 13.04 35.98
CA SER B 256 2.29 12.97 36.33
C SER B 256 3.13 13.27 35.11
N VAL B 257 3.76 14.44 35.12
CA VAL B 257 4.57 14.87 33.99
C VAL B 257 6.07 14.85 34.28
N GLN B 258 6.82 14.26 33.35
CA GLN B 258 8.27 14.17 33.49
C GLN B 258 8.99 14.29 32.16
N ALA B 259 10.09 15.03 32.17
CA ALA B 259 10.88 15.22 30.96
C ALA B 259 11.61 13.93 30.62
N ILE B 260 11.66 13.58 29.34
CA ILE B 260 12.32 12.35 28.92
C ILE B 260 13.17 12.51 27.68
N ASP B 261 14.26 11.77 27.63
CA ASP B 261 15.16 11.78 26.50
C ASP B 261 14.89 10.63 25.56
N LEU B 262 14.95 10.90 24.26
CA LEU B 262 14.73 9.85 23.29
C LEU B 262 16.02 9.14 22.95
N PRO B 263 15.99 7.80 22.89
CA PRO B 263 17.18 7.01 22.58
C PRO B 263 17.82 7.45 21.26
N GLU B 264 19.14 7.39 21.23
CA GLU B 264 19.89 7.78 20.03
C GLU B 264 19.32 7.14 18.77
N ALA B 265 18.90 5.88 18.89
CA ALA B 265 18.31 5.16 17.77
C ALA B 265 17.12 5.91 17.18
N VAL B 266 16.31 6.48 18.06
CA VAL B 266 15.13 7.25 17.65
C VAL B 266 15.56 8.55 16.95
N HIS B 267 16.61 9.18 17.47
CA HIS B 267 17.13 10.41 16.86
C HIS B 267 17.56 10.16 15.43
N GLU B 268 18.24 9.04 15.23
CA GLU B 268 18.71 8.66 13.90
C GLU B 268 17.56 8.38 12.96
N ALA B 269 16.49 7.79 13.52
CA ALA B 269 15.30 7.50 12.71
C ALA B 269 14.77 8.78 12.11
N TRP B 270 14.75 9.82 12.93
CA TRP B 270 14.29 11.14 12.51
C TRP B 270 15.15 11.67 11.36
N ARG B 271 16.45 11.49 11.52
CA ARG B 271 17.42 11.96 10.53
C ARG B 271 17.25 11.38 9.14
N ILE B 272 17.02 10.06 9.05
CA ILE B 272 16.88 9.39 7.77
C ILE B 272 15.48 9.40 7.15
N HIS B 273 14.52 10.04 7.84
CA HIS B 273 13.15 10.11 7.31
C HIS B 273 13.14 10.63 5.87
N PRO B 274 13.93 11.68 5.59
CA PRO B 274 14.00 12.27 4.24
C PRO B 274 14.47 11.29 3.18
N ILE B 275 15.39 10.39 3.56
CA ILE B 275 15.89 9.41 2.62
C ILE B 275 14.79 8.47 2.14
N ILE B 276 14.02 7.97 3.09
CA ILE B 276 12.91 7.06 2.76
C ILE B 276 11.84 7.75 1.94
N GLN B 277 11.42 8.92 2.42
CA GLN B 277 10.39 9.69 1.73
C GLN B 277 10.76 10.06 0.30
N ASP B 278 11.97 10.57 0.12
CA ASP B 278 12.43 11.00 -1.20
C ASP B 278 12.73 9.86 -2.15
N PHE B 279 13.32 8.79 -1.64
CA PHE B 279 13.62 7.66 -2.51
C PHE B 279 12.35 7.09 -3.11
N GLU B 280 11.39 6.78 -2.24
CA GLU B 280 10.13 6.23 -2.71
C GLU B 280 9.36 7.20 -3.60
N ALA B 281 9.48 8.48 -3.30
CA ALA B 281 8.79 9.50 -4.10
C ALA B 281 9.11 9.36 -5.59
N HIS B 282 10.35 9.04 -5.90
CA HIS B 282 10.76 8.87 -7.29
C HIS B 282 10.12 7.67 -7.95
N ARG B 283 9.84 6.63 -7.18
CA ARG B 283 9.17 5.46 -7.76
C ARG B 283 7.69 5.73 -7.91
N ALA B 284 7.10 6.21 -6.81
CA ALA B 284 5.69 6.53 -6.74
C ALA B 284 5.22 7.61 -7.69
N LEU B 285 6.12 8.51 -8.06
CA LEU B 285 5.80 9.60 -8.98
C LEU B 285 6.60 9.51 -10.27
N ALA B 286 6.99 8.29 -10.62
CA ALA B 286 7.80 8.05 -11.83
C ALA B 286 7.12 8.51 -13.12
N TRP B 287 5.85 8.21 -13.28
CA TRP B 287 5.13 8.62 -14.49
C TRP B 287 5.12 10.14 -14.62
N GLU B 288 4.80 10.81 -13.52
CA GLU B 288 4.76 12.27 -13.50
C GLU B 288 6.11 12.91 -13.78
N PHE B 289 7.15 12.42 -13.10
CA PHE B 289 8.50 12.96 -13.27
C PHE B 289 9.08 12.75 -14.67
N SER B 290 8.75 11.60 -15.25
CA SER B 290 9.24 11.23 -16.58
C SER B 290 8.44 11.81 -17.74
N GLU B 291 7.12 11.86 -17.59
CA GLU B 291 6.24 12.35 -18.65
C GLU B 291 5.75 13.78 -18.52
N HIS B 292 5.71 14.30 -17.29
CA HIS B 292 5.21 15.66 -17.06
C HIS B 292 6.07 16.44 -16.09
N HIS B 293 7.38 16.27 -16.24
CA HIS B 293 8.37 16.92 -15.37
C HIS B 293 8.14 18.40 -15.14
N ASP B 294 8.08 19.17 -16.22
CA ASP B 294 7.91 20.61 -16.12
C ASP B 294 6.55 21.07 -15.64
N GLU B 295 5.59 20.16 -15.63
CA GLU B 295 4.24 20.46 -15.17
C GLU B 295 4.09 20.32 -13.66
N ILE B 296 5.07 19.68 -13.04
CA ILE B 296 5.06 19.49 -11.60
C ILE B 296 5.33 20.81 -10.87
N ALA B 297 4.55 21.06 -9.82
CA ALA B 297 4.73 22.30 -9.05
C ALA B 297 6.19 22.54 -8.71
N PRO B 298 6.66 23.79 -8.87
CA PRO B 298 8.02 24.27 -8.62
C PRO B 298 8.79 23.63 -7.48
N MET B 299 8.25 23.77 -6.27
CA MET B 299 8.93 23.23 -5.10
C MET B 299 9.11 21.73 -5.15
N LEU B 300 8.05 20.99 -5.44
CA LEU B 300 8.16 19.54 -5.53
C LEU B 300 9.12 19.13 -6.64
N ARG B 301 9.07 19.88 -7.74
CA ARG B 301 9.95 19.60 -8.88
C ARG B 301 11.42 19.72 -8.51
N ALA B 302 11.75 20.77 -7.75
CA ALA B 302 13.12 21.00 -7.33
C ALA B 302 13.63 19.93 -6.37
N SER B 303 12.80 19.56 -5.40
CA SER B 303 13.19 18.53 -4.45
C SER B 303 13.40 17.20 -5.14
N LEU B 304 12.57 16.91 -6.14
CA LEU B 304 12.71 15.68 -6.91
C LEU B 304 13.99 15.68 -7.72
N ASP B 305 14.22 16.78 -8.44
CA ASP B 305 15.43 16.92 -9.25
C ASP B 305 16.69 16.79 -8.42
N ALA B 306 16.61 17.25 -7.18
CA ALA B 306 17.75 17.21 -6.25
C ALA B 306 17.96 15.86 -5.58
N THR B 307 17.03 14.93 -5.79
CA THR B 307 17.14 13.62 -5.13
C THR B 307 17.14 12.42 -6.08
N VAL B 308 17.22 12.68 -7.38
CA VAL B 308 17.23 11.61 -8.37
C VAL B 308 18.32 10.58 -8.11
N GLY B 309 19.42 11.03 -7.53
CA GLY B 309 20.55 10.15 -7.24
C GLY B 309 20.48 9.21 -6.05
N LEU B 310 19.49 9.38 -5.18
CA LEU B 310 19.39 8.48 -4.02
C LEU B 310 19.46 7.02 -4.46
N THR B 311 20.34 6.26 -3.83
CA THR B 311 20.55 4.85 -4.19
C THR B 311 19.73 3.88 -3.38
N PRO B 312 19.46 2.69 -3.94
CA PRO B 312 18.69 1.68 -3.21
C PRO B 312 19.45 1.31 -1.95
N LYS B 313 20.78 1.35 -2.07
CA LYS B 313 21.65 1.00 -0.94
C LYS B 313 21.43 1.91 0.26
N GLU B 314 21.53 3.22 0.06
CA GLU B 314 21.30 4.13 1.17
C GLU B 314 19.87 4.07 1.66
N TYR B 315 18.97 3.71 0.75
CA TYR B 315 17.55 3.57 1.09
C TYR B 315 17.35 2.40 2.05
N ASP B 316 17.95 1.25 1.72
CA ASP B 316 17.86 0.07 2.58
C ASP B 316 18.45 0.33 3.95
N GLU B 317 19.56 1.06 3.96
CA GLU B 317 20.22 1.39 5.21
C GLU B 317 19.33 2.29 6.06
N ALA B 318 18.64 3.22 5.39
CA ALA B 318 17.74 4.14 6.07
C ALA B 318 16.61 3.38 6.75
N ARG B 319 16.02 2.43 6.02
CA ARG B 319 14.93 1.64 6.57
C ARG B 319 15.38 0.83 7.77
N ARG B 320 16.59 0.29 7.69
CA ARG B 320 17.15 -0.49 8.79
C ARG B 320 17.24 0.37 10.05
N ILE B 321 17.63 1.62 9.84
CA ILE B 321 17.74 2.58 10.94
C ILE B 321 16.37 2.86 11.52
N GLY B 322 15.38 2.94 10.62
CA GLY B 322 14.01 3.19 11.06
C GLY B 322 13.50 2.08 11.95
N ARG B 323 13.66 0.84 11.50
CA ARG B 323 13.22 -0.31 12.30
C ARG B 323 13.86 -0.31 13.68
N ARG B 324 15.15 0.00 13.71
CA ARG B 324 15.88 0.05 14.97
C ARG B 324 15.25 1.09 15.91
N GLY B 325 14.83 2.21 15.34
CA GLY B 325 14.20 3.26 16.12
C GLY B 325 12.87 2.81 16.67
N ARG B 326 12.11 2.07 15.87
CA ARG B 326 10.80 1.57 16.32
C ARG B 326 10.90 0.66 17.53
N ARG B 327 11.90 -0.22 17.55
CA ARG B 327 12.09 -1.15 18.67
C ARG B 327 12.41 -0.44 19.97
N GLU B 328 13.40 0.45 19.93
CA GLU B 328 13.81 1.18 21.12
C GLU B 328 12.76 2.16 21.60
N LEU B 329 11.97 2.69 20.67
CA LEU B 329 10.92 3.63 21.06
C LEU B 329 9.90 2.93 21.94
N GLY B 330 9.60 1.67 21.59
CA GLY B 330 8.65 0.90 22.36
C GLY B 330 9.10 0.84 23.81
N GLU B 331 10.40 0.67 24.01
CA GLU B 331 10.97 0.61 25.35
C GLU B 331 10.61 1.84 26.16
N VAL B 332 10.54 2.97 25.47
CA VAL B 332 10.20 4.24 26.11
C VAL B 332 8.80 4.20 26.72
N PHE B 333 7.85 3.61 25.98
CA PHE B 333 6.46 3.51 26.45
C PHE B 333 6.25 2.48 27.53
N GLU B 334 7.29 2.22 28.30
CA GLU B 334 7.22 1.26 29.38
C GLU B 334 7.03 1.93 30.73
N GLY B 335 7.58 3.13 30.86
CA GLY B 335 7.46 3.88 32.09
C GLY B 335 6.49 5.04 31.95
N VAL B 336 5.96 5.23 30.76
CA VAL B 336 5.03 6.31 30.50
C VAL B 336 3.88 5.89 29.56
N ASP B 337 2.69 6.42 29.83
CA ASP B 337 1.51 6.10 29.02
C ASP B 337 1.55 6.78 27.67
N VAL B 338 1.81 8.09 27.69
CA VAL B 338 1.88 8.87 26.47
C VAL B 338 2.98 9.91 26.49
N LEU B 339 3.39 10.32 25.31
CA LEU B 339 4.41 11.35 25.17
C LEU B 339 3.76 12.67 24.78
N LEU B 340 4.33 13.76 25.24
CA LEU B 340 3.81 15.08 24.92
C LEU B 340 4.90 15.94 24.30
N THR B 341 4.63 16.41 23.09
CA THR B 341 5.60 17.25 22.40
C THR B 341 4.94 18.35 21.57
N TYR B 342 5.74 19.00 20.73
CA TYR B 342 5.21 20.06 19.89
C TYR B 342 4.47 19.52 18.68
N SER B 343 3.50 20.29 18.21
CA SER B 343 2.71 19.91 17.02
C SER B 343 3.28 20.57 15.77
N ALA B 344 3.99 21.68 15.99
CA ALA B 344 4.60 22.46 14.90
C ALA B 344 5.68 23.40 15.43
N PRO B 345 6.53 23.95 14.54
CA PRO B 345 7.60 24.86 14.98
C PRO B 345 7.08 26.12 15.70
N GLY B 346 5.80 26.40 15.52
CA GLY B 346 5.22 27.58 16.16
C GLY B 346 3.92 27.96 15.48
N THR B 347 3.58 29.25 15.53
CA THR B 347 2.34 29.71 14.91
C THR B 347 2.42 29.60 13.39
N ALA B 348 1.26 29.55 12.74
CA ALA B 348 1.20 29.44 11.29
C ALA B 348 2.00 30.54 10.58
N PRO B 349 2.81 30.15 9.60
CA PRO B 349 3.62 31.11 8.84
C PRO B 349 2.76 32.04 8.00
N ALA B 350 3.23 33.27 7.83
CA ALA B 350 2.52 34.22 7.00
C ALA B 350 2.50 33.69 5.57
N LYS B 351 1.38 33.88 4.88
CA LYS B 351 1.28 33.41 3.48
C LYS B 351 2.43 33.91 2.63
N ALA B 352 2.86 35.13 2.92
CA ALA B 352 3.95 35.77 2.20
C ALA B 352 5.21 34.93 2.14
N LEU B 353 5.41 34.08 3.14
CA LEU B 353 6.60 33.23 3.19
C LEU B 353 6.53 32.03 2.26
N ALA B 354 5.38 31.83 1.62
CA ALA B 354 5.19 30.72 0.69
C ALA B 354 5.66 29.39 1.27
N SER B 355 5.25 29.13 2.51
CA SER B 355 5.61 27.91 3.21
C SER B 355 4.46 27.37 4.02
N THR B 356 4.27 26.05 3.95
CA THR B 356 3.21 25.39 4.70
C THR B 356 3.68 25.00 6.10
N GLY B 357 4.91 25.39 6.40
CA GLY B 357 5.47 25.09 7.70
C GLY B 357 6.42 23.91 7.64
N ASP B 358 7.30 23.85 8.63
CA ASP B 358 8.29 22.78 8.73
C ASP B 358 7.76 21.60 9.54
N PRO B 359 7.75 20.39 8.93
CA PRO B 359 7.26 19.20 9.65
C PRO B 359 8.31 18.47 10.47
N ARG B 360 9.43 19.13 10.74
CA ARG B 360 10.51 18.50 11.50
C ARG B 360 10.09 17.94 12.86
N TYR B 361 9.00 18.46 13.41
CA TYR B 361 8.51 17.97 14.69
C TYR B 361 7.42 16.90 14.53
N ASN B 362 7.12 16.55 13.28
CA ASN B 362 6.09 15.55 13.00
C ASN B 362 6.58 14.28 12.32
N ARG B 363 7.55 14.45 11.41
CA ARG B 363 8.08 13.33 10.60
C ARG B 363 8.52 12.08 11.36
N LEU B 364 9.20 12.23 12.48
CA LEU B 364 9.64 11.04 13.23
C LEU B 364 8.50 10.10 13.54
N TRP B 365 7.43 10.65 14.10
CA TRP B 365 6.28 9.87 14.49
C TRP B 365 5.55 9.19 13.35
N THR B 366 5.60 9.79 12.16
CA THR B 366 4.96 9.16 11.02
C THR B 366 5.71 7.89 10.65
N LEU B 367 7.04 7.96 10.74
CA LEU B 367 7.90 6.81 10.44
C LEU B 367 7.81 5.75 11.53
N MET B 368 7.68 6.19 12.78
CA MET B 368 7.56 5.24 13.89
C MET B 368 6.21 4.53 13.83
N GLY B 369 5.21 5.23 13.29
CA GLY B 369 3.88 4.65 13.14
C GLY B 369 2.88 4.93 14.26
N ASN B 370 3.38 5.45 15.37
CA ASN B 370 2.54 5.74 16.53
C ASN B 370 1.38 6.68 16.26
N PRO B 371 0.26 6.47 16.98
CA PRO B 371 -0.93 7.30 16.83
C PRO B 371 -0.64 8.66 17.48
N CYS B 372 -0.89 9.73 16.73
CA CYS B 372 -0.65 11.08 17.22
C CYS B 372 -1.91 11.92 17.20
N VAL B 373 -2.09 12.72 18.24
CA VAL B 373 -3.26 13.58 18.35
C VAL B 373 -2.91 15.01 18.71
N ASN B 374 -3.43 15.95 17.93
CA ASN B 374 -3.18 17.36 18.22
C ASN B 374 -4.23 17.91 19.15
N VAL B 375 -3.77 18.65 20.15
CA VAL B 375 -4.66 19.29 21.11
C VAL B 375 -4.44 20.79 21.11
N PRO B 376 -5.46 21.56 20.70
CA PRO B 376 -5.34 23.01 20.68
C PRO B 376 -5.10 23.48 22.11
N VAL B 377 -4.13 24.36 22.32
CA VAL B 377 -3.83 24.83 23.67
C VAL B 377 -4.14 26.31 23.88
N LEU B 378 -3.54 27.15 23.05
CA LEU B 378 -3.77 28.58 23.14
C LEU B 378 -3.48 29.28 21.83
N LYS B 379 -3.60 30.61 21.85
CA LYS B 379 -3.34 31.40 20.68
C LYS B 379 -2.39 32.55 20.95
N VAL B 380 -1.55 32.83 19.97
CA VAL B 380 -0.59 33.92 20.05
C VAL B 380 -0.77 34.83 18.87
N GLY B 381 -1.13 36.08 19.15
CA GLY B 381 -1.35 37.02 18.07
C GLY B 381 -2.57 36.55 17.29
N GLY B 382 -3.45 35.81 17.96
CA GLY B 382 -4.65 35.31 17.33
C GLY B 382 -4.44 33.98 16.61
N LEU B 383 -3.18 33.56 16.49
CA LEU B 383 -2.86 32.30 15.81
C LEU B 383 -2.78 31.12 16.78
N PRO B 384 -3.47 30.02 16.44
CA PRO B 384 -3.49 28.81 17.26
C PRO B 384 -2.16 28.10 17.44
N ILE B 385 -1.99 27.56 18.64
CA ILE B 385 -0.82 26.77 19.03
C ILE B 385 -1.32 25.50 19.70
N GLY B 386 -0.79 24.37 19.28
CA GLY B 386 -1.22 23.13 19.88
C GLY B 386 -0.08 22.24 20.31
N VAL B 387 -0.43 21.14 20.94
CA VAL B 387 0.54 20.14 21.38
C VAL B 387 0.16 18.78 20.84
N GLN B 388 1.16 17.93 20.72
CA GLN B 388 0.96 16.60 20.17
C GLN B 388 1.03 15.49 21.21
N VAL B 389 -0.05 14.72 21.29
CA VAL B 389 -0.13 13.59 22.20
C VAL B 389 0.16 12.31 21.45
N ILE B 390 1.15 11.57 21.93
CA ILE B 390 1.56 10.34 21.28
C ILE B 390 1.57 9.12 22.20
N ALA B 391 0.94 8.05 21.75
CA ALA B 391 0.89 6.81 22.50
C ALA B 391 1.60 5.72 21.74
N ARG B 392 1.73 4.55 22.35
CA ARG B 392 2.41 3.45 21.68
C ARG B 392 1.64 2.99 20.46
N PHE B 393 2.36 2.37 19.51
CA PHE B 393 1.74 1.87 18.30
C PHE B 393 0.54 0.98 18.63
N GLY B 394 -0.60 1.27 18.00
CA GLY B 394 -1.80 0.48 18.23
C GLY B 394 -2.62 0.90 19.44
N ASN B 395 -2.17 1.94 20.14
CA ASN B 395 -2.88 2.43 21.31
C ASN B 395 -3.63 3.72 21.03
N ASP B 396 -4.21 3.80 19.84
CA ASP B 396 -4.95 4.98 19.40
C ASP B 396 -6.00 5.43 20.41
N ALA B 397 -6.76 4.48 20.93
CA ALA B 397 -7.81 4.78 21.90
C ALA B 397 -7.28 5.56 23.09
N HIS B 398 -6.16 5.08 23.64
CA HIS B 398 -5.52 5.73 24.78
C HIS B 398 -5.04 7.13 24.42
N ALA B 399 -4.53 7.28 23.20
CA ALA B 399 -4.06 8.58 22.73
C ALA B 399 -5.20 9.59 22.75
N LEU B 400 -6.37 9.15 22.28
CA LEU B 400 -7.55 10.00 22.24
C LEU B 400 -8.06 10.31 23.64
N ALA B 401 -8.04 9.29 24.49
CA ALA B 401 -8.47 9.41 25.88
C ALA B 401 -7.65 10.47 26.63
N THR B 402 -6.35 10.42 26.42
CA THR B 402 -5.43 11.37 27.06
C THR B 402 -5.55 12.77 26.49
N ALA B 403 -5.78 12.83 25.17
CA ALA B 403 -5.95 14.11 24.50
C ALA B 403 -7.18 14.81 25.03
N TRP B 404 -8.20 14.00 25.30
CA TRP B 404 -9.47 14.50 25.83
C TRP B 404 -9.23 15.05 27.23
N PHE B 405 -8.43 14.29 27.98
CA PHE B 405 -8.04 14.67 29.32
C PHE B 405 -7.39 16.04 29.31
N LEU B 406 -6.45 16.21 28.40
CA LEU B 406 -5.73 17.47 28.25
C LEU B 406 -6.65 18.63 27.88
N GLU B 407 -7.63 18.34 27.03
CA GLU B 407 -8.59 19.36 26.63
C GLU B 407 -9.35 19.88 27.84
N ASP B 408 -9.83 18.93 28.65
CA ASP B 408 -10.57 19.28 29.86
C ASP B 408 -9.69 19.99 30.88
N ALA B 409 -8.43 19.58 30.96
CA ALA B 409 -7.49 20.20 31.90
C ALA B 409 -7.19 21.64 31.52
N LEU B 410 -7.16 21.90 30.22
CA LEU B 410 -6.90 23.23 29.69
C LEU B 410 -8.06 24.18 29.89
N ALA B 411 -9.27 23.63 29.83
CA ALA B 411 -10.46 24.44 30.06
C ALA B 411 -10.54 24.80 31.53
N LYS B 412 -9.75 24.08 32.32
CA LYS B 412 -9.67 24.25 33.77
C LYS B 412 -10.89 23.70 34.49
#